data_6G01
#
_entry.id   6G01
#
_cell.length_a   118.583
_cell.length_b   137.408
_cell.length_c   118.451
_cell.angle_alpha   90.00
_cell.angle_beta   90.00
_cell.angle_gamma   90.00
#
_symmetry.space_group_name_H-M   'C 2 2 21'
#
loop_
_entity.id
_entity.type
_entity.pdbx_description
1 polymer Neuraminidase
2 branched 2-acetamido-2-deoxy-beta-D-glucopyranose-(1-4)-2-acetamido-2-deoxy-beta-D-glucopyranose
3 branched beta-D-mannopyranose-(1-4)-2-acetamido-2-deoxy-beta-D-glucopyranose-(1-4)-2-acetamido-2-deoxy-beta-D-glucopyranose
4 branched alpha-D-mannopyranose-(1-3)-beta-D-mannopyranose-(1-4)-2-acetamido-2-deoxy-beta-D-glucopyranose-(1-4)-2-acetamido-2-deoxy-beta-D-glucopyranose
5 non-polymer 'CALCIUM ION'
6 non-polymer '[(3~{R},4~{R},5~{S})-4-acetamido-5-azanyl-3-pentan-3-yloxy-cyclohexen-1-yl]-methoxy-phosphinic acid'
7 non-polymer 2-acetamido-2-deoxy-beta-D-glucopyranose
8 non-polymer 1,2-ETHANEDIOL
9 water water
#
_entity_poly.entity_id   1
_entity_poly.type   'polypeptide(L)'
_entity_poly.pdbx_seq_one_letter_code
;SVKLAGNSSLCPVSGWAIYSKDNSVRIGSKGDVFVIREPFISCSPLECRTFFLTQGALLNDKHSNGTIKDRSPYRTLMSC
PIGEVPSPYNSRFESVAWSASACHDGINWLTIGISGPDNGAVAVLKYNGIITDTIKSWRNNILRTQESECACVNGSCFTV
MTDGPSNGQASYKIFRIEKGKIVKSVEMNAPNYHYEECSCYPDSSEITCVCRDNWHGSNRPWVSFNQNLEYQIGYICSGI
FGDNPRPNDKTGSCGPVSSNGANGVKGFSFKYGNGVWIGRTKSISSRNGFEMIWDPNGWTGTDNNFSIKQDIVGINEWSG
YSGSFVQHPELTGLDCIRPCFWVELIRGRPKENTIWTSGSSISFCGVNSDTVGWSWPDGAELPFTID
;
_entity_poly.pdbx_strand_id   A,B
#
loop_
_chem_comp.id
_chem_comp.type
_chem_comp.name
_chem_comp.formula
BMA D-saccharide, beta linking beta-D-mannopyranose 'C6 H12 O6'
CA non-polymer 'CALCIUM ION' 'Ca 2'
EDO non-polymer 1,2-ETHANEDIOL 'C2 H6 O2'
EEW non-polymer '[(3~{R},4~{R},5~{S})-4-acetamido-5-azanyl-3-pentan-3-yloxy-cyclohexen-1-yl]-methoxy-phosphinic acid' 'C14 H27 N2 O5 P'
MAN D-saccharide, alpha linking alpha-D-mannopyranose 'C6 H12 O6'
NAG D-saccharide, beta linking 2-acetamido-2-deoxy-beta-D-glucopyranose 'C8 H15 N O6'
#
# COMPACT_ATOMS: atom_id res chain seq x y z
N SER A 1 17.13 -7.50 -31.12
CA SER A 1 16.83 -7.46 -29.62
C SER A 1 15.55 -6.68 -29.32
N VAL A 2 14.56 -7.38 -28.78
CA VAL A 2 13.26 -6.81 -28.53
C VAL A 2 12.76 -7.25 -27.17
N LYS A 3 12.06 -6.34 -26.48
CA LYS A 3 11.50 -6.62 -25.17
C LYS A 3 10.48 -7.77 -25.24
N LEU A 4 10.49 -8.63 -24.23
CA LEU A 4 9.46 -9.64 -24.08
C LEU A 4 8.12 -8.96 -23.91
N ALA A 5 7.11 -9.41 -24.65
CA ALA A 5 5.78 -8.82 -24.56
C ALA A 5 5.10 -9.17 -23.24
N GLY A 6 5.08 -10.47 -22.92
CA GLY A 6 4.43 -10.96 -21.73
C GLY A 6 2.92 -10.81 -21.62
N ASN A 7 2.26 -10.67 -22.77
CA ASN A 7 0.85 -10.42 -22.84
C ASN A 7 -0.03 -11.62 -23.17
N SER A 8 0.59 -12.75 -23.51
CA SER A 8 -0.13 -14.02 -23.76
C SER A 8 -0.42 -14.72 -22.44
N SER A 9 -1.34 -15.68 -22.47
CA SER A 9 -1.68 -16.43 -21.27
C SER A 9 -0.68 -17.58 -20.99
N LEU A 10 -0.68 -18.06 -19.74
CA LEU A 10 0.07 -19.25 -19.40
C LEU A 10 -0.44 -20.41 -20.19
N CYS A 11 0.45 -21.18 -20.82
CA CYS A 11 0.04 -22.40 -21.56
C CYS A 11 -0.62 -23.40 -20.61
N PRO A 12 -1.78 -23.95 -20.97
CA PRO A 12 -2.32 -24.97 -20.09
C PRO A 12 -1.54 -26.26 -20.33
N VAL A 13 -1.33 -27.01 -19.25
CA VAL A 13 -0.48 -28.22 -19.25
C VAL A 13 -1.07 -29.41 -18.49
N SER A 14 -0.85 -30.62 -19.05
CA SER A 14 -1.38 -31.85 -18.45
C SER A 14 -0.33 -32.59 -17.64
N GLY A 15 0.95 -32.27 -17.84
CA GLY A 15 1.98 -32.89 -17.03
C GLY A 15 3.32 -32.25 -17.36
N TRP A 16 4.35 -32.81 -16.76
CA TRP A 16 5.68 -32.18 -16.68
C TRP A 16 6.74 -33.13 -17.23
N ALA A 17 7.45 -32.65 -18.25
CA ALA A 17 8.53 -33.39 -18.94
C ALA A 17 9.88 -32.95 -18.36
N ILE A 18 10.74 -33.91 -18.02
CA ILE A 18 12.04 -33.53 -17.45
C ILE A 18 12.91 -32.73 -18.44
N TYR A 19 13.46 -31.65 -17.91
CA TYR A 19 14.21 -30.69 -18.70
C TYR A 19 15.70 -30.68 -18.40
N SER A 20 16.12 -30.67 -17.13
CA SER A 20 17.55 -30.73 -16.78
C SER A 20 17.80 -31.47 -15.47
N LYS A 21 19.04 -31.89 -15.32
CA LYS A 21 19.59 -32.42 -14.04
C LYS A 21 21.06 -32.20 -14.07
N ASP A 22 21.62 -31.58 -13.03
CA ASP A 22 23.05 -31.24 -13.07
C ASP A 22 24.00 -32.21 -12.31
N ASN A 23 23.48 -33.01 -11.39
CA ASN A 23 24.29 -33.96 -10.61
C ASN A 23 25.46 -33.29 -9.87
N SER A 24 25.24 -32.06 -9.40
CA SER A 24 26.34 -31.24 -8.88
C SER A 24 27.11 -31.86 -7.72
N VAL A 25 26.40 -32.44 -6.77
CA VAL A 25 27.03 -32.95 -5.53
C VAL A 25 27.83 -34.21 -5.88
N ARG A 26 27.24 -35.14 -6.66
CA ARG A 26 27.94 -36.31 -7.16
C ARG A 26 29.26 -35.96 -7.85
N ILE A 27 29.19 -34.96 -8.74
CA ILE A 27 30.37 -34.52 -9.51
C ILE A 27 31.40 -33.85 -8.62
N GLY A 28 30.93 -33.06 -7.66
CA GLY A 28 31.78 -32.29 -6.79
C GLY A 28 32.56 -33.13 -5.77
N SER A 29 32.23 -34.39 -5.66
CA SER A 29 33.03 -35.33 -4.87
C SER A 29 34.49 -35.37 -5.37
N LYS A 30 34.68 -35.18 -6.68
CA LYS A 30 36.03 -35.04 -7.30
C LYS A 30 36.27 -33.70 -7.98
N GLY A 31 35.32 -33.25 -8.81
CA GLY A 31 35.48 -32.02 -9.60
C GLY A 31 35.38 -30.77 -8.76
N ASP A 32 35.67 -29.63 -9.40
CA ASP A 32 35.74 -28.35 -8.72
C ASP A 32 34.39 -27.67 -8.89
N VAL A 33 33.50 -27.95 -7.94
CA VAL A 33 32.11 -27.56 -8.01
C VAL A 33 31.83 -26.69 -6.78
N PHE A 34 31.21 -25.55 -6.98
CA PHE A 34 30.85 -24.67 -5.87
C PHE A 34 29.88 -25.35 -4.88
N VAL A 35 30.14 -25.09 -3.59
CA VAL A 35 29.11 -25.23 -2.56
C VAL A 35 28.06 -24.15 -2.87
N ILE A 36 26.80 -24.56 -3.08
CA ILE A 36 25.75 -23.61 -3.38
C ILE A 36 24.46 -23.95 -2.66
N ARG A 37 23.64 -22.94 -2.46
CA ARG A 37 22.22 -23.15 -2.19
C ARG A 37 21.40 -22.04 -2.88
N GLU A 38 20.08 -22.13 -2.78
CA GLU A 38 19.18 -21.13 -3.34
C GLU A 38 19.41 -20.99 -4.85
N PRO A 39 19.44 -22.13 -5.57
CA PRO A 39 19.56 -22.04 -6.99
C PRO A 39 18.22 -21.66 -7.63
N PHE A 40 18.27 -21.12 -8.84
CA PHE A 40 17.07 -20.94 -9.65
C PHE A 40 17.38 -20.82 -11.12
N ILE A 41 16.37 -21.02 -11.96
CA ILE A 41 16.56 -20.96 -13.40
CA ILE A 41 16.57 -20.94 -13.40
C ILE A 41 15.86 -19.71 -13.94
N SER A 42 16.45 -19.11 -14.96
CA SER A 42 15.80 -18.03 -15.70
C SER A 42 16.32 -18.00 -17.11
N CYS A 43 15.47 -17.54 -18.05
CA CYS A 43 15.76 -17.63 -19.48
C CYS A 43 15.73 -16.24 -20.16
N SER A 44 16.57 -16.11 -21.17
CA SER A 44 16.54 -14.96 -22.07
C SER A 44 15.79 -15.42 -23.31
N PRO A 45 15.70 -14.57 -24.35
CA PRO A 45 15.17 -15.08 -25.64
C PRO A 45 16.04 -16.12 -26.35
N LEU A 46 17.29 -16.29 -25.90
CA LEU A 46 18.20 -17.26 -26.51
C LEU A 46 18.62 -18.45 -25.63
N GLU A 47 18.59 -18.35 -24.30
CA GLU A 47 19.13 -19.50 -23.48
C GLU A 47 18.54 -19.48 -22.07
N CYS A 48 18.68 -20.59 -21.37
CA CYS A 48 18.27 -20.64 -19.98
C CYS A 48 19.52 -20.89 -19.16
N ARG A 49 19.56 -20.21 -18.01
CA ARG A 49 20.69 -20.30 -17.11
C ARG A 49 20.26 -20.73 -15.70
N THR A 50 21.16 -21.40 -14.97
CA THR A 50 20.97 -21.67 -13.55
C THR A 50 21.73 -20.53 -12.80
N PHE A 51 21.03 -19.80 -11.95
CA PHE A 51 21.62 -18.84 -10.99
C PHE A 51 21.71 -19.55 -9.62
N PHE A 52 22.62 -19.14 -8.78
CA PHE A 52 22.85 -19.79 -7.49
C PHE A 52 23.66 -18.87 -6.62
N LEU A 53 23.51 -19.08 -5.30
CA LEU A 53 24.28 -18.38 -4.31
C LEU A 53 25.43 -19.32 -3.85
N THR A 54 26.65 -19.00 -4.27
CA THR A 54 27.82 -19.72 -3.76
C THR A 54 28.08 -19.39 -2.31
N GLN A 55 28.91 -20.22 -1.69
CA GLN A 55 29.47 -19.94 -0.38
C GLN A 55 30.94 -19.59 -0.48
N GLY A 56 31.41 -19.21 -1.67
CA GLY A 56 32.82 -18.89 -1.90
C GLY A 56 33.76 -20.02 -1.52
N ALA A 57 33.32 -21.25 -1.79
CA ALA A 57 34.07 -22.46 -1.44
C ALA A 57 33.69 -23.56 -2.39
N LEU A 58 34.57 -24.54 -2.53
CA LEU A 58 34.25 -25.76 -3.30
C LEU A 58 33.90 -26.96 -2.45
N LEU A 59 33.10 -27.88 -3.03
CA LEU A 59 32.80 -29.13 -2.36
C LEU A 59 34.06 -29.95 -2.11
N ASN A 60 34.03 -30.64 -0.97
CA ASN A 60 35.11 -31.52 -0.52
C ASN A 60 36.41 -30.76 -0.18
N ASP A 61 36.26 -29.47 0.12
CA ASP A 61 37.36 -28.68 0.60
C ASP A 61 37.03 -28.14 1.98
N LYS A 62 38.07 -27.86 2.76
CA LYS A 62 37.86 -27.36 4.15
C LYS A 62 37.05 -26.08 4.28
N HIS A 63 37.08 -25.23 3.25
CA HIS A 63 36.33 -23.99 3.31
C HIS A 63 34.80 -24.19 3.16
N SER A 64 34.39 -25.40 2.78
CA SER A 64 32.97 -25.79 2.86
C SER A 64 32.43 -25.94 4.31
N ASN A 65 33.32 -25.86 5.29
CA ASN A 65 32.92 -26.00 6.70
C ASN A 65 32.01 -24.84 7.13
N GLY A 66 30.90 -25.18 7.78
CA GLY A 66 30.01 -24.19 8.40
C GLY A 66 29.06 -23.54 7.40
N THR A 67 28.89 -24.16 6.22
CA THR A 67 28.02 -23.61 5.16
C THR A 67 26.50 -23.81 5.40
N ILE A 68 26.12 -24.41 6.53
CA ILE A 68 24.74 -24.25 7.04
C ILE A 68 24.38 -22.75 7.22
N LYS A 69 25.40 -21.91 7.44
CA LYS A 69 25.19 -20.52 7.73
C LYS A 69 24.66 -19.79 6.48
N ASP A 70 23.63 -19.00 6.67
CA ASP A 70 22.93 -18.38 5.53
C ASP A 70 23.63 -17.18 4.90
N ARG A 71 24.15 -16.28 5.72
CA ARG A 71 24.57 -14.97 5.26
C ARG A 71 25.99 -14.74 5.70
N SER A 72 26.81 -14.34 4.74
CA SER A 72 28.22 -14.03 4.98
C SER A 72 28.70 -13.11 3.88
N PRO A 73 29.87 -12.49 4.08
CA PRO A 73 30.48 -11.65 3.03
C PRO A 73 31.13 -12.41 1.88
N TYR A 74 31.16 -13.74 1.96
CA TYR A 74 31.74 -14.58 0.91
C TYR A 74 30.74 -15.03 -0.14
N ARG A 75 29.44 -14.93 0.17
CA ARG A 75 28.45 -15.45 -0.76
C ARG A 75 28.29 -14.56 -1.99
N THR A 76 28.22 -15.20 -3.17
CA THR A 76 28.07 -14.50 -4.44
C THR A 76 27.03 -15.16 -5.29
N LEU A 77 26.30 -14.32 -6.03
CA LEU A 77 25.38 -14.78 -7.04
C LEU A 77 26.21 -15.02 -8.29
N MET A 78 26.07 -16.21 -8.86
CA MET A 78 26.74 -16.55 -10.13
C MET A 78 25.75 -17.33 -10.98
N SER A 79 26.11 -17.63 -12.23
CA SER A 79 25.24 -18.36 -13.10
C SER A 79 26.02 -19.18 -14.08
N CYS A 80 25.35 -20.22 -14.58
CA CYS A 80 25.96 -21.07 -15.60
C CYS A 80 24.87 -21.59 -16.50
N PRO A 81 25.25 -22.23 -17.64
CA PRO A 81 24.20 -22.80 -18.49
C PRO A 81 23.41 -23.88 -17.77
N ILE A 82 22.12 -23.96 -18.05
CA ILE A 82 21.25 -24.92 -17.37
C ILE A 82 21.77 -26.38 -17.55
N GLY A 83 21.76 -27.12 -16.45
CA GLY A 83 22.17 -28.53 -16.45
C GLY A 83 23.67 -28.81 -16.30
N GLU A 84 24.50 -27.76 -16.40
CA GLU A 84 25.92 -27.87 -16.09
C GLU A 84 26.14 -27.67 -14.59
N VAL A 85 27.17 -28.32 -14.07
CA VAL A 85 27.55 -28.11 -12.67
C VAL A 85 28.09 -26.72 -12.48
N PRO A 86 27.77 -26.09 -11.35
CA PRO A 86 28.29 -24.75 -11.07
C PRO A 86 29.77 -24.81 -10.65
N SER A 87 30.69 -24.53 -11.58
N SER A 87 30.67 -24.45 -11.56
CA SER A 87 32.13 -24.54 -11.29
CA SER A 87 32.10 -24.52 -11.31
C SER A 87 32.73 -23.16 -11.50
C SER A 87 32.73 -23.16 -11.53
N PRO A 88 33.89 -22.89 -10.87
CA PRO A 88 34.63 -21.69 -11.21
C PRO A 88 35.07 -21.60 -12.71
N TYR A 89 35.09 -22.73 -13.42
CA TYR A 89 35.55 -22.76 -14.81
C TYR A 89 34.44 -22.55 -15.85
N ASN A 90 33.16 -22.58 -15.42
CA ASN A 90 32.04 -22.33 -16.33
C ASN A 90 31.00 -21.32 -15.83
N SER A 91 31.27 -20.65 -14.70
CA SER A 91 30.28 -19.77 -14.06
C SER A 91 30.58 -18.29 -14.26
N ARG A 92 29.56 -17.56 -14.72
CA ARG A 92 29.63 -16.12 -14.81
C ARG A 92 29.43 -15.51 -13.43
N PHE A 93 30.24 -14.50 -13.09
CA PHE A 93 30.02 -13.73 -11.85
C PHE A 93 28.90 -12.70 -12.07
N GLU A 94 27.91 -12.66 -11.17
CA GLU A 94 26.81 -11.70 -11.26
C GLU A 94 26.90 -10.60 -10.20
N SER A 95 27.00 -10.97 -8.92
CA SER A 95 26.87 -9.99 -7.84
C SER A 95 27.36 -10.59 -6.53
N VAL A 96 27.72 -9.73 -5.58
CA VAL A 96 28.00 -10.19 -4.20
C VAL A 96 26.64 -10.21 -3.53
N ALA A 97 26.27 -11.36 -2.97
CA ALA A 97 24.88 -11.55 -2.54
C ALA A 97 24.70 -12.77 -1.60
N TRP A 98 23.89 -12.57 -0.57
CA TRP A 98 23.33 -13.66 0.21
C TRP A 98 21.82 -13.83 0.08
N SER A 99 21.19 -13.02 -0.80
CA SER A 99 19.82 -13.21 -1.25
C SER A 99 19.73 -12.54 -2.64
N ALA A 100 18.98 -13.13 -3.56
CA ALA A 100 18.99 -12.69 -4.94
C ALA A 100 17.73 -12.95 -5.75
N SER A 101 17.66 -12.26 -6.90
CA SER A 101 16.73 -12.49 -7.97
C SER A 101 17.42 -12.11 -9.29
N ALA A 102 16.88 -12.54 -10.41
CA ALA A 102 17.38 -12.15 -11.69
C ALA A 102 16.28 -12.44 -12.72
N CYS A 103 16.28 -11.69 -13.82
CA CYS A 103 15.35 -11.94 -14.94
C CYS A 103 15.77 -11.12 -16.17
N HIS A 104 15.41 -11.61 -17.37
CA HIS A 104 15.84 -10.99 -18.61
C HIS A 104 14.63 -10.31 -19.22
N ASP A 105 14.75 -9.09 -19.63
CA ASP A 105 13.58 -8.34 -20.17
C ASP A 105 13.39 -8.47 -21.68
N GLY A 106 14.24 -9.28 -22.30
CA GLY A 106 14.31 -9.38 -23.75
C GLY A 106 15.52 -8.69 -24.34
N ILE A 107 16.09 -7.72 -23.63
CA ILE A 107 17.27 -6.97 -24.07
C ILE A 107 18.51 -7.32 -23.23
N ASN A 108 18.40 -7.19 -21.91
CA ASN A 108 19.54 -7.55 -21.00
C ASN A 108 19.06 -8.19 -19.69
N TRP A 109 20.02 -8.78 -18.98
CA TRP A 109 19.83 -9.36 -17.65
C TRP A 109 19.75 -8.29 -16.54
N LEU A 110 18.69 -8.39 -15.75
CA LEU A 110 18.59 -7.68 -14.48
C LEU A 110 19.04 -8.72 -13.40
N THR A 111 19.97 -8.32 -12.55
CA THR A 111 20.34 -9.13 -11.36
C THR A 111 20.15 -8.24 -10.17
N ILE A 112 19.66 -8.84 -9.10
CA ILE A 112 19.48 -8.16 -7.80
C ILE A 112 20.22 -8.98 -6.74
N GLY A 113 21.24 -8.40 -6.11
CA GLY A 113 22.07 -9.13 -5.13
C GLY A 113 22.09 -8.31 -3.85
N ILE A 114 21.66 -8.92 -2.75
CA ILE A 114 21.64 -8.27 -1.43
C ILE A 114 22.81 -8.72 -0.59
N SER A 115 23.63 -7.76 -0.13
CA SER A 115 24.72 -8.07 0.80
C SER A 115 24.75 -7.01 1.88
N GLY A 116 25.76 -7.08 2.75
CA GLY A 116 25.85 -6.17 3.90
C GLY A 116 25.37 -6.82 5.22
N PRO A 117 25.32 -6.03 6.30
CA PRO A 117 24.89 -6.51 7.61
C PRO A 117 23.39 -6.75 7.72
N ASP A 118 23.01 -7.58 8.66
CA ASP A 118 21.59 -7.85 8.90
C ASP A 118 20.76 -6.60 9.19
N ASN A 119 21.38 -5.61 9.85
CA ASN A 119 20.65 -4.42 10.30
C ASN A 119 20.69 -3.28 9.27
N GLY A 120 21.27 -3.53 8.09
CA GLY A 120 21.27 -2.51 7.03
C GLY A 120 21.71 -2.99 5.68
N ALA A 121 21.11 -4.08 5.24
CA ALA A 121 21.51 -4.71 4.01
C ALA A 121 21.09 -3.83 2.80
N VAL A 122 21.80 -3.99 1.71
CA VAL A 122 21.58 -3.17 0.50
C VAL A 122 21.46 -4.10 -0.70
N ALA A 123 20.37 -3.97 -1.45
CA ALA A 123 20.19 -4.67 -2.71
C ALA A 123 20.92 -3.85 -3.79
N VAL A 124 21.81 -4.50 -4.52
CA VAL A 124 22.49 -3.91 -5.66
C VAL A 124 21.84 -4.43 -6.92
N LEU A 125 21.31 -3.51 -7.75
CA LEU A 125 20.65 -3.88 -9.01
C LEU A 125 21.65 -3.67 -10.12
N LYS A 126 21.81 -4.65 -10.99
CA LYS A 126 22.65 -4.50 -12.19
C LYS A 126 21.82 -4.78 -13.45
N TYR A 127 22.04 -3.99 -14.49
CA TYR A 127 21.48 -4.24 -15.80
C TYR A 127 22.65 -4.42 -16.73
N ASN A 128 22.71 -5.57 -17.42
CA ASN A 128 23.89 -5.89 -18.24
C ASN A 128 25.19 -5.76 -17.47
N GLY A 129 25.19 -6.17 -16.22
CA GLY A 129 26.43 -6.25 -15.44
C GLY A 129 26.90 -4.91 -14.86
N ILE A 130 26.17 -3.83 -15.14
CA ILE A 130 26.51 -2.46 -14.64
C ILE A 130 25.55 -2.08 -13.55
N ILE A 131 26.06 -1.54 -12.45
CA ILE A 131 25.17 -1.09 -11.34
C ILE A 131 24.28 0.02 -11.81
N THR A 132 22.97 -0.18 -11.63
CA THR A 132 21.94 0.77 -12.07
C THR A 132 21.10 1.35 -10.90
N ASP A 133 21.12 0.74 -9.73
CA ASP A 133 20.32 1.22 -8.62
C ASP A 133 20.70 0.46 -7.37
N THR A 134 20.31 1.02 -6.23
CA THR A 134 20.42 0.28 -4.98
C THR A 134 19.14 0.57 -4.19
N ILE A 135 18.85 -0.31 -3.25
CA ILE A 135 17.79 -0.08 -2.30
C ILE A 135 18.22 -0.67 -0.96
N LYS A 136 18.13 0.14 0.08
CA LYS A 136 18.56 -0.27 1.40
C LYS A 136 17.39 -0.74 2.28
N SER A 137 17.70 -1.64 3.23
CA SER A 137 16.79 -2.10 4.24
C SER A 137 16.00 -0.92 4.83
N TRP A 138 14.67 -1.08 4.89
CA TRP A 138 13.76 -0.07 5.49
C TRP A 138 13.23 -0.44 6.87
N ARG A 139 13.41 -1.69 7.29
CA ARG A 139 13.09 -2.13 8.66
C ARG A 139 14.31 -2.62 9.39
N ASN A 140 15.50 -2.55 8.77
CA ASN A 140 16.74 -2.95 9.46
C ASN A 140 16.71 -4.35 10.02
N ASN A 141 16.12 -5.29 9.26
CA ASN A 141 16.00 -6.65 9.72
C ASN A 141 15.98 -7.67 8.58
N ILE A 142 17.16 -7.85 8.01
CA ILE A 142 17.48 -8.82 6.94
C ILE A 142 16.64 -8.57 5.69
N LEU A 143 16.88 -7.44 5.04
CA LEU A 143 16.29 -7.20 3.69
C LEU A 143 16.58 -8.40 2.80
N ARG A 144 15.56 -8.90 2.14
CA ARG A 144 15.67 -10.19 1.44
C ARG A 144 14.69 -10.31 0.30
N THR A 145 14.95 -11.25 -0.63
CA THR A 145 14.12 -11.32 -1.83
C THR A 145 13.82 -12.77 -2.27
N GLN A 146 13.47 -12.88 -3.53
CA GLN A 146 12.81 -14.07 -4.04
C GLN A 146 13.58 -15.41 -3.94
N GLU A 147 14.88 -15.42 -4.30
CA GLU A 147 15.64 -16.64 -4.62
C GLU A 147 15.06 -17.38 -5.82
N SER A 148 14.40 -16.63 -6.73
CA SER A 148 13.98 -17.18 -8.02
C SER A 148 13.82 -16.01 -8.98
N GLU A 149 13.44 -16.27 -10.20
CA GLU A 149 13.38 -15.22 -11.24
C GLU A 149 12.33 -14.17 -10.95
N CYS A 150 12.70 -12.92 -11.22
CA CYS A 150 11.72 -11.84 -11.32
C CYS A 150 10.93 -12.03 -12.63
N ALA A 151 9.94 -11.20 -12.88
CA ALA A 151 9.07 -11.39 -13.98
C ALA A 151 8.94 -10.15 -14.77
N CYS A 152 8.98 -10.29 -16.11
CA CYS A 152 9.01 -9.13 -16.98
C CYS A 152 7.88 -9.11 -17.97
N VAL A 153 7.36 -7.90 -18.16
CA VAL A 153 6.30 -7.61 -19.08
C VAL A 153 6.58 -6.25 -19.75
N ASN A 154 6.65 -6.28 -21.08
CA ASN A 154 6.84 -5.12 -21.95
C ASN A 154 7.89 -4.14 -21.45
N GLY A 155 9.09 -4.61 -21.15
CA GLY A 155 10.19 -3.74 -20.69
C GLY A 155 10.24 -3.39 -19.20
N SER A 156 9.25 -3.79 -18.42
CA SER A 156 9.28 -3.57 -17.00
C SER A 156 9.41 -4.92 -16.32
N CYS A 157 10.22 -4.99 -15.27
CA CYS A 157 10.39 -6.21 -14.50
C CYS A 157 9.99 -5.98 -13.04
N PHE A 158 9.55 -7.07 -12.42
CA PHE A 158 8.84 -6.99 -11.16
C PHE A 158 9.42 -8.05 -10.14
N THR A 159 9.50 -7.64 -8.89
CA THR A 159 9.93 -8.51 -7.78
C THR A 159 9.26 -8.06 -6.46
N VAL A 160 9.49 -8.84 -5.42
CA VAL A 160 8.98 -8.62 -4.08
C VAL A 160 10.16 -8.79 -3.16
N MET A 161 10.26 -7.86 -2.18
CA MET A 161 11.25 -7.99 -1.10
C MET A 161 10.57 -7.88 0.23
N THR A 162 11.16 -8.51 1.24
CA THR A 162 10.65 -8.49 2.60
C THR A 162 11.72 -7.94 3.53
N ASP A 163 11.28 -7.24 4.56
CA ASP A 163 12.18 -6.76 5.60
C ASP A 163 11.39 -6.86 6.91
N GLY A 164 12.01 -7.43 7.93
CA GLY A 164 11.34 -7.64 9.23
C GLY A 164 11.44 -9.07 9.72
N PRO A 165 10.71 -9.43 10.77
CA PRO A 165 10.74 -10.76 11.36
C PRO A 165 10.40 -11.87 10.36
N SER A 166 11.04 -13.02 10.54
CA SER A 166 10.71 -14.26 9.84
C SER A 166 9.79 -15.16 10.65
N ASN A 167 9.39 -14.68 11.83
CA ASN A 167 8.54 -15.44 12.73
C ASN A 167 7.37 -14.58 13.27
N GLY A 168 6.99 -13.55 12.52
CA GLY A 168 5.97 -12.59 12.96
C GLY A 168 5.63 -11.67 11.81
N GLN A 169 4.75 -10.74 12.05
CA GLN A 169 4.40 -9.73 11.03
C GLN A 169 5.68 -9.00 10.50
N ALA A 170 5.83 -8.93 9.18
CA ALA A 170 6.89 -8.17 8.56
C ALA A 170 6.31 -7.19 7.51
N SER A 171 7.17 -6.63 6.68
CA SER A 171 6.83 -5.63 5.69
C SER A 171 7.27 -6.18 4.33
N TYR A 172 6.38 -6.05 3.33
CA TYR A 172 6.56 -6.67 2.04
C TYR A 172 6.31 -5.57 1.00
N LYS A 173 7.25 -5.39 0.06
CA LYS A 173 7.14 -4.36 -0.98
C LYS A 173 7.22 -4.97 -2.36
N ILE A 174 6.46 -4.41 -3.31
CA ILE A 174 6.51 -4.80 -4.71
C ILE A 174 7.26 -3.71 -5.46
N PHE A 175 8.13 -4.10 -6.39
CA PHE A 175 8.91 -3.17 -7.18
C PHE A 175 8.68 -3.32 -8.67
N ARG A 176 8.56 -2.18 -9.37
CA ARG A 176 8.68 -2.14 -10.82
C ARG A 176 10.03 -1.56 -11.22
N ILE A 177 10.71 -2.25 -12.10
CA ILE A 177 12.07 -1.90 -12.49
C ILE A 177 12.17 -1.86 -14.02
N GLU A 178 12.82 -0.84 -14.54
CA GLU A 178 13.00 -0.65 -15.96
C GLU A 178 14.49 -0.34 -16.21
N LYS A 179 15.14 -1.16 -17.03
CA LYS A 179 16.60 -1.02 -17.31
C LYS A 179 17.40 -0.94 -16.00
N GLY A 180 16.99 -1.78 -15.07
CA GLY A 180 17.69 -1.84 -13.78
C GLY A 180 17.48 -0.72 -12.78
N LYS A 181 16.56 0.20 -13.08
CA LYS A 181 16.23 1.32 -12.17
C LYS A 181 14.85 1.13 -11.58
N ILE A 182 14.73 1.30 -10.27
CA ILE A 182 13.40 1.19 -9.64
C ILE A 182 12.60 2.42 -10.09
N VAL A 183 11.44 2.21 -10.74
CA VAL A 183 10.58 3.33 -11.16
C VAL A 183 9.35 3.53 -10.29
N LYS A 184 8.97 2.48 -9.57
CA LYS A 184 7.81 2.53 -8.67
C LYS A 184 7.99 1.39 -7.65
N SER A 185 7.48 1.63 -6.44
CA SER A 185 7.37 0.61 -5.41
C SER A 185 6.12 0.92 -4.56
N VAL A 186 5.56 -0.12 -4.00
CA VAL A 186 4.43 0.02 -3.07
C VAL A 186 4.60 -0.99 -1.92
N GLU A 187 4.25 -0.59 -0.71
CA GLU A 187 4.18 -1.53 0.41
C GLU A 187 2.84 -2.24 0.43
N MET A 188 2.86 -3.56 0.42
CA MET A 188 1.66 -4.34 0.60
C MET A 188 1.03 -4.13 1.98
N ASN A 189 -0.25 -3.79 1.99
CA ASN A 189 -1.07 -3.68 3.21
C ASN A 189 -1.62 -5.07 3.48
N ALA A 190 -0.84 -5.87 4.20
CA ALA A 190 -1.14 -7.28 4.42
C ALA A 190 -0.98 -7.63 5.90
N PRO A 191 -1.80 -6.99 6.76
CA PRO A 191 -1.81 -7.45 8.13
C PRO A 191 -2.27 -8.90 8.25
N ASN A 192 -1.58 -9.64 9.12
CA ASN A 192 -1.77 -11.04 9.39
C ASN A 192 -1.27 -12.00 8.31
N TYR A 193 -0.66 -11.47 7.26
CA TYR A 193 -0.11 -12.28 6.15
C TYR A 193 1.40 -12.27 6.39
N HIS A 194 2.07 -13.29 5.82
CA HIS A 194 3.51 -13.37 5.81
C HIS A 194 3.99 -13.82 4.44
N TYR A 195 4.90 -13.06 3.86
CA TYR A 195 5.46 -13.34 2.53
C TYR A 195 6.97 -13.44 2.57
N GLU A 196 7.47 -14.60 2.15
CA GLU A 196 8.89 -14.84 1.92
C GLU A 196 9.11 -15.50 0.59
N GLU A 197 10.26 -15.20 -0.01
CA GLU A 197 10.79 -16.01 -1.12
C GLU A 197 9.74 -16.28 -2.20
N CYS A 198 9.12 -15.22 -2.70
CA CYS A 198 8.10 -15.35 -3.75
C CYS A 198 8.57 -15.97 -5.06
N SER A 199 7.76 -16.90 -5.61
CA SER A 199 7.95 -17.38 -6.99
C SER A 199 6.93 -16.63 -7.87
N CYS A 200 7.42 -15.71 -8.72
CA CYS A 200 6.58 -14.80 -9.52
C CYS A 200 6.73 -15.09 -11.01
N TYR A 201 5.61 -15.05 -11.72
CA TYR A 201 5.58 -15.29 -13.13
C TYR A 201 4.61 -14.31 -13.77
N PRO A 202 4.83 -14.00 -15.05
CA PRO A 202 3.89 -13.24 -15.89
C PRO A 202 2.82 -14.09 -16.56
N ASP A 203 1.63 -13.53 -16.73
CA ASP A 203 0.48 -14.29 -17.36
C ASP A 203 -0.48 -13.18 -17.77
N SER A 204 -0.68 -13.03 -19.07
N SER A 204 -0.73 -13.08 -19.07
CA SER A 204 -1.66 -12.06 -19.59
CA SER A 204 -1.56 -12.02 -19.69
C SER A 204 -1.39 -10.60 -19.07
C SER A 204 -1.37 -10.61 -19.10
N SER A 205 -0.11 -10.21 -19.16
CA SER A 205 0.35 -8.86 -18.74
C SER A 205 0.33 -8.53 -17.24
N GLU A 206 0.04 -9.49 -16.38
CA GLU A 206 -0.05 -9.26 -14.96
C GLU A 206 0.83 -10.30 -14.29
N ILE A 207 1.23 -10.01 -13.06
CA ILE A 207 2.19 -10.85 -12.34
C ILE A 207 1.48 -11.60 -11.23
N THR A 208 1.77 -12.88 -11.09
CA THR A 208 1.27 -13.67 -9.99
C THR A 208 2.43 -14.26 -9.23
N CYS A 209 2.43 -14.05 -7.94
CA CYS A 209 3.46 -14.56 -7.03
C CYS A 209 2.88 -15.46 -6.01
N VAL A 210 3.52 -16.64 -5.81
CA VAL A 210 3.15 -17.60 -4.76
C VAL A 210 4.38 -17.74 -3.87
N CYS A 211 4.16 -17.55 -2.55
CA CYS A 211 5.24 -17.31 -1.64
C CYS A 211 5.20 -18.29 -0.46
N ARG A 212 5.96 -17.99 0.57
CA ARG A 212 6.15 -18.83 1.76
C ARG A 212 5.75 -18.00 2.99
N ASP A 213 4.76 -18.48 3.75
CA ASP A 213 4.39 -17.89 5.05
C ASP A 213 5.22 -18.62 6.12
N ASN A 214 6.22 -17.96 6.68
CA ASN A 214 7.09 -18.58 7.69
C ASN A 214 6.61 -18.35 9.11
N TRP A 215 5.52 -17.59 9.26
CA TRP A 215 5.01 -17.18 10.58
C TRP A 215 3.94 -18.18 11.06
N HIS A 216 2.87 -18.29 10.29
CA HIS A 216 1.69 -19.01 10.76
C HIS A 216 0.79 -19.57 9.67
N GLY A 217 1.39 -20.05 8.57
CA GLY A 217 0.61 -20.60 7.48
C GLY A 217 1.23 -21.80 6.84
N SER A 218 0.46 -22.87 6.71
CA SER A 218 0.93 -24.11 6.06
C SER A 218 0.39 -24.26 4.64
N ASN A 219 -0.55 -23.40 4.28
CA ASN A 219 -0.81 -23.06 2.89
C ASN A 219 0.06 -21.90 2.45
N ARG A 220 0.09 -21.63 1.14
CA ARG A 220 0.93 -20.56 0.58
C ARG A 220 0.16 -19.28 0.33
N PRO A 221 0.73 -18.13 0.72
CA PRO A 221 0.14 -16.85 0.36
C PRO A 221 0.44 -16.52 -1.09
N TRP A 222 -0.36 -15.61 -1.66
CA TRP A 222 -0.13 -15.12 -2.98
C TRP A 222 -0.39 -13.64 -3.05
N VAL A 223 0.30 -13.02 -3.98
CA VAL A 223 0.03 -11.62 -4.34
C VAL A 223 0.06 -11.55 -5.85
N SER A 224 -0.89 -10.81 -6.42
CA SER A 224 -0.97 -10.57 -7.84
C SER A 224 -1.13 -9.08 -8.10
N PHE A 225 -0.62 -8.65 -9.25
CA PHE A 225 -0.64 -7.23 -9.58
C PHE A 225 -0.43 -6.92 -11.06
N ASN A 226 -0.91 -5.75 -11.48
CA ASN A 226 -0.74 -5.27 -12.83
C ASN A 226 0.53 -4.45 -12.90
N GLN A 227 0.82 -3.90 -14.08
CA GLN A 227 2.07 -3.11 -14.26
C GLN A 227 2.10 -1.82 -13.41
N ASN A 228 0.92 -1.32 -12.98
N ASN A 228 0.93 -1.33 -12.99
CA ASN A 228 0.83 -0.12 -12.10
CA ASN A 228 0.90 -0.13 -12.15
C ASN A 228 1.03 -0.45 -10.61
C ASN A 228 0.92 -0.47 -10.63
N LEU A 229 1.21 -1.72 -10.29
CA LEU A 229 1.35 -2.22 -8.91
C LEU A 229 0.05 -2.17 -8.10
N GLU A 230 -1.07 -2.19 -8.81
CA GLU A 230 -2.39 -2.37 -8.20
C GLU A 230 -2.51 -3.86 -7.91
N TYR A 231 -2.56 -4.21 -6.61
CA TYR A 231 -2.43 -5.62 -6.20
C TYR A 231 -3.68 -6.20 -5.54
N GLN A 232 -3.72 -7.54 -5.55
CA GLN A 232 -4.62 -8.32 -4.70
C GLN A 232 -3.76 -9.33 -3.92
N ILE A 233 -4.28 -9.74 -2.78
CA ILE A 233 -3.64 -10.70 -1.88
C ILE A 233 -4.65 -11.77 -1.44
N GLY A 234 -4.10 -12.95 -1.13
CA GLY A 234 -4.87 -14.07 -0.59
C GLY A 234 -3.95 -15.21 -0.19
N TYR A 235 -4.55 -16.35 0.17
CA TYR A 235 -3.86 -17.62 0.33
C TYR A 235 -4.51 -18.65 -0.55
N ILE A 236 -3.74 -19.64 -0.98
CA ILE A 236 -4.29 -20.75 -1.75
C ILE A 236 -5.27 -21.52 -0.85
N CYS A 237 -6.50 -21.73 -1.32
CA CYS A 237 -7.59 -22.24 -0.48
C CYS A 237 -7.57 -23.74 -0.32
N SER A 238 -6.94 -24.43 -1.27
CA SER A 238 -7.01 -25.89 -1.34
C SER A 238 -6.59 -26.54 -0.04
N GLY A 239 -7.29 -27.62 0.33
CA GLY A 239 -6.90 -28.50 1.44
C GLY A 239 -5.70 -29.39 1.13
N ILE A 240 -5.22 -29.31 -0.13
CA ILE A 240 -3.97 -29.90 -0.54
CA ILE A 240 -3.95 -29.91 -0.50
C ILE A 240 -2.88 -28.88 -0.14
N PHE A 241 -2.44 -28.93 1.12
CA PHE A 241 -1.58 -27.85 1.67
C PHE A 241 -0.23 -27.84 0.97
N GLY A 242 0.30 -26.65 0.69
CA GLY A 242 1.49 -26.53 -0.18
C GLY A 242 2.84 -26.32 0.48
N ASP A 243 2.85 -25.91 1.75
CA ASP A 243 4.08 -25.61 2.45
C ASP A 243 4.67 -26.89 3.08
N ASN A 244 5.86 -26.76 3.61
CA ASN A 244 6.53 -27.82 4.37
C ASN A 244 7.23 -27.15 5.52
N PRO A 245 6.92 -27.47 6.80
CA PRO A 245 5.92 -28.45 7.24
C PRO A 245 4.47 -28.07 6.99
N ARG A 246 3.59 -29.03 7.19
CA ARG A 246 2.17 -28.87 7.00
C ARG A 246 1.45 -30.01 7.71
N PRO A 247 0.12 -29.91 7.87
CA PRO A 247 -0.63 -31.07 8.32
C PRO A 247 -0.95 -32.00 7.17
N ASN A 248 -1.51 -33.17 7.50
CA ASN A 248 -2.14 -34.02 6.51
C ASN A 248 -3.25 -33.22 5.79
N ASP A 249 -3.47 -33.53 4.53
CA ASP A 249 -4.52 -32.84 3.77
C ASP A 249 -5.89 -32.99 4.42
N LYS A 250 -6.63 -31.90 4.47
CA LYS A 250 -8.01 -31.90 5.00
C LYS A 250 -8.66 -30.64 4.45
N THR A 251 -9.83 -30.26 4.95
CA THR A 251 -10.42 -29.00 4.53
C THR A 251 -9.48 -27.82 4.78
N GLY A 252 -9.26 -27.03 3.74
CA GLY A 252 -8.34 -25.89 3.82
C GLY A 252 -8.98 -24.59 4.24
N SER A 253 -8.24 -23.51 4.01
CA SER A 253 -8.67 -22.14 4.32
C SER A 253 -8.13 -21.18 3.29
N CYS A 254 -8.92 -20.15 2.99
CA CYS A 254 -8.51 -19.06 2.12
C CYS A 254 -7.71 -17.99 2.87
N GLY A 255 -7.54 -18.16 4.19
CA GLY A 255 -6.55 -17.44 4.97
C GLY A 255 -5.44 -18.39 5.45
N PRO A 256 -4.50 -17.87 6.27
CA PRO A 256 -3.38 -18.72 6.73
C PRO A 256 -3.83 -19.88 7.62
N VAL A 257 -3.39 -21.10 7.27
CA VAL A 257 -3.72 -22.29 8.02
C VAL A 257 -2.70 -22.40 9.13
N SER A 258 -3.16 -22.21 10.38
CA SER A 258 -2.25 -22.13 11.53
C SER A 258 -1.59 -23.47 11.85
N SER A 259 -2.26 -24.59 11.60
CA SER A 259 -1.68 -25.88 11.95
C SER A 259 -0.34 -26.11 11.20
N ASN A 260 0.73 -26.38 11.96
CA ASN A 260 2.09 -26.56 11.44
C ASN A 260 2.57 -25.37 10.57
N GLY A 261 2.12 -24.17 10.90
CA GLY A 261 2.23 -23.04 10.02
C GLY A 261 3.58 -22.36 10.15
N ALA A 262 4.21 -22.40 11.33
CA ALA A 262 5.52 -21.78 11.50
C ALA A 262 6.54 -22.50 10.63
N ASN A 263 7.57 -21.75 10.24
N ASN A 263 7.62 -21.82 10.25
CA ASN A 263 8.64 -22.22 9.37
CA ASN A 263 8.66 -22.41 9.37
C ASN A 263 8.03 -22.57 7.97
C ASN A 263 8.04 -22.58 7.97
N GLY A 264 8.75 -23.22 7.07
CA GLY A 264 8.27 -23.36 5.68
C GLY A 264 9.41 -23.72 4.76
N VAL A 265 9.12 -23.70 3.46
CA VAL A 265 10.12 -23.94 2.43
C VAL A 265 9.70 -23.04 1.25
N LYS A 266 10.67 -22.49 0.54
CA LYS A 266 10.31 -21.76 -0.71
C LYS A 266 9.62 -22.74 -1.65
N GLY A 267 8.54 -22.27 -2.29
CA GLY A 267 7.86 -23.03 -3.30
C GLY A 267 7.18 -22.14 -4.32
N PHE A 268 6.29 -22.78 -5.08
CA PHE A 268 5.58 -22.14 -6.17
C PHE A 268 4.23 -22.87 -6.41
N SER A 269 3.37 -22.22 -7.17
CA SER A 269 2.20 -22.86 -7.78
C SER A 269 1.79 -22.05 -8.98
N PHE A 270 1.08 -22.70 -9.92
CA PHE A 270 0.58 -21.98 -11.13
C PHE A 270 -0.93 -21.94 -11.08
N LYS A 271 -1.51 -20.75 -11.21
CA LYS A 271 -2.95 -20.49 -11.20
C LYS A 271 -3.51 -20.60 -12.63
N TYR A 272 -4.56 -21.42 -12.78
CA TYR A 272 -5.35 -21.46 -14.02
C TYR A 272 -6.81 -21.30 -13.64
N GLY A 273 -7.30 -20.07 -13.71
CA GLY A 273 -8.68 -19.79 -13.29
C GLY A 273 -8.83 -20.10 -11.81
N ASN A 274 -9.81 -20.94 -11.46
CA ASN A 274 -9.99 -21.40 -10.08
C ASN A 274 -9.10 -22.59 -9.74
N GLY A 275 -8.39 -23.15 -10.73
CA GLY A 275 -7.53 -24.30 -10.50
C GLY A 275 -6.07 -23.92 -10.27
N VAL A 276 -5.30 -24.91 -9.85
CA VAL A 276 -3.89 -24.69 -9.47
C VAL A 276 -3.08 -25.96 -9.69
N TRP A 277 -1.89 -25.79 -10.26
CA TRP A 277 -0.84 -26.79 -10.20
C TRP A 277 0.05 -26.51 -8.98
N ILE A 278 0.04 -27.42 -8.02
CA ILE A 278 0.80 -27.28 -6.77
C ILE A 278 2.01 -28.19 -6.86
N GLY A 279 3.22 -27.64 -6.70
CA GLY A 279 4.41 -28.43 -6.42
C GLY A 279 4.66 -28.48 -4.94
N ARG A 280 4.92 -29.66 -4.40
CA ARG A 280 5.20 -29.75 -2.97
C ARG A 280 6.05 -30.92 -2.65
N THR A 281 6.60 -30.90 -1.45
CA THR A 281 7.30 -32.07 -0.91
C THR A 281 6.32 -33.23 -0.74
N LYS A 282 6.84 -34.46 -0.66
CA LYS A 282 5.98 -35.59 -0.37
C LYS A 282 5.75 -35.75 1.14
N SER A 283 6.76 -35.47 1.96
CA SER A 283 6.64 -35.58 3.42
C SER A 283 5.93 -34.33 3.94
N ILE A 284 5.02 -34.49 4.89
CA ILE A 284 4.40 -33.34 5.54
C ILE A 284 5.30 -32.62 6.50
N SER A 285 6.34 -33.29 7.02
CA SER A 285 7.13 -32.78 8.12
C SER A 285 8.58 -32.44 7.78
N SER A 286 9.07 -32.95 6.65
CA SER A 286 10.48 -32.84 6.31
C SER A 286 10.66 -32.55 4.81
N ARG A 287 11.84 -32.07 4.45
CA ARG A 287 12.14 -31.72 3.07
C ARG A 287 12.54 -32.96 2.30
N ASN A 288 11.54 -33.80 2.08
CA ASN A 288 11.71 -35.08 1.41
C ASN A 288 10.66 -35.23 0.32
N GLY A 289 11.11 -35.68 -0.84
CA GLY A 289 10.29 -35.99 -1.97
C GLY A 289 9.79 -34.76 -2.67
N PHE A 290 9.16 -34.95 -3.79
CA PHE A 290 8.52 -33.86 -4.54
C PHE A 290 7.47 -34.42 -5.49
N GLU A 291 6.42 -33.64 -5.68
CA GLU A 291 5.32 -34.06 -6.52
C GLU A 291 4.60 -32.86 -7.10
N MET A 292 3.94 -33.07 -8.23
CA MET A 292 3.06 -32.08 -8.84
C MET A 292 1.62 -32.54 -8.76
N ILE A 293 0.73 -31.69 -8.24
CA ILE A 293 -0.71 -31.99 -8.12
C ILE A 293 -1.52 -30.94 -8.89
N TRP A 294 -2.44 -31.41 -9.75
CA TRP A 294 -3.41 -30.55 -10.44
C TRP A 294 -4.71 -30.61 -9.66
N ASP A 295 -5.11 -29.50 -9.06
CA ASP A 295 -6.37 -29.40 -8.35
C ASP A 295 -7.25 -28.38 -9.09
N PRO A 296 -8.27 -28.86 -9.80
CA PRO A 296 -8.99 -27.96 -10.70
C PRO A 296 -9.84 -26.87 -10.03
N ASN A 297 -10.10 -26.96 -8.72
CA ASN A 297 -10.75 -25.83 -8.00
C ASN A 297 -9.95 -25.36 -6.78
N GLY A 298 -8.66 -25.67 -6.76
CA GLY A 298 -7.85 -25.47 -5.58
C GLY A 298 -7.38 -24.06 -5.29
N TRP A 299 -7.47 -23.13 -6.24
CA TRP A 299 -7.11 -21.76 -5.92
C TRP A 299 -8.12 -21.15 -4.98
N THR A 300 -9.40 -21.43 -5.24
CA THR A 300 -10.50 -20.86 -4.46
C THR A 300 -11.30 -21.79 -3.60
N GLY A 301 -11.18 -23.11 -3.79
CA GLY A 301 -12.00 -24.07 -3.09
C GLY A 301 -11.19 -24.74 -1.99
N THR A 302 -11.85 -25.05 -0.88
CA THR A 302 -11.16 -25.60 0.31
C THR A 302 -11.16 -27.10 0.42
N ASP A 303 -11.77 -27.83 -0.51
CA ASP A 303 -11.73 -29.29 -0.41
C ASP A 303 -10.29 -29.83 -0.59
N ASN A 304 -10.09 -31.10 -0.21
CA ASN A 304 -8.81 -31.81 -0.44
C ASN A 304 -8.95 -32.88 -1.54
N ASN A 305 -9.80 -32.62 -2.55
CA ASN A 305 -9.87 -33.52 -3.71
C ASN A 305 -8.95 -32.91 -4.77
N PHE A 306 -8.26 -33.75 -5.54
CA PHE A 306 -7.46 -33.32 -6.68
C PHE A 306 -7.59 -34.33 -7.81
N SER A 307 -7.12 -33.96 -9.00
CA SER A 307 -7.33 -34.79 -10.19
C SER A 307 -6.12 -35.51 -10.69
N ILE A 308 -4.93 -34.93 -10.55
CA ILE A 308 -3.69 -35.51 -11.11
C ILE A 308 -2.60 -35.38 -10.10
N LYS A 309 -1.85 -36.44 -9.87
CA LYS A 309 -0.59 -36.39 -9.13
C LYS A 309 0.50 -36.98 -10.03
N GLN A 310 1.62 -36.26 -10.14
CA GLN A 310 2.80 -36.75 -10.84
C GLN A 310 4.01 -36.74 -9.89
N ASP A 311 4.62 -37.90 -9.71
CA ASP A 311 5.79 -38.03 -8.85
C ASP A 311 7.04 -37.44 -9.53
N ILE A 312 7.81 -36.70 -8.73
CA ILE A 312 9.05 -36.05 -9.15
C ILE A 312 10.32 -36.51 -8.41
N VAL A 313 10.24 -36.61 -7.09
CA VAL A 313 11.30 -37.15 -6.25
C VAL A 313 10.64 -38.04 -5.18
N GLY A 314 11.21 -39.21 -4.95
CA GLY A 314 10.64 -40.17 -4.02
C GLY A 314 10.66 -39.70 -2.57
N ILE A 315 9.70 -40.17 -1.79
CA ILE A 315 9.56 -39.71 -0.40
C ILE A 315 10.77 -40.01 0.48
N ASN A 316 11.58 -41.02 0.15
CA ASN A 316 12.78 -41.27 0.94
C ASN A 316 14.02 -40.48 0.49
N GLU A 317 13.87 -39.53 -0.43
CA GLU A 317 15.03 -38.78 -0.92
C GLU A 317 14.87 -37.33 -0.49
N TRP A 318 16.00 -36.66 -0.35
CA TRP A 318 16.04 -35.25 0.04
C TRP A 318 15.57 -34.34 -1.11
N SER A 319 14.72 -33.38 -0.76
CA SER A 319 14.33 -32.32 -1.70
C SER A 319 14.80 -30.97 -1.12
N GLY A 320 14.00 -29.93 -1.23
CA GLY A 320 14.46 -28.62 -0.77
C GLY A 320 13.59 -27.56 -1.43
N TYR A 321 14.19 -26.41 -1.67
CA TYR A 321 13.49 -25.31 -2.37
C TYR A 321 12.95 -25.75 -3.71
N SER A 322 11.91 -25.02 -4.18
CA SER A 322 11.46 -25.12 -5.54
C SER A 322 10.94 -23.77 -6.02
N GLY A 323 10.90 -23.61 -7.32
CA GLY A 323 10.47 -22.35 -7.91
C GLY A 323 10.01 -22.47 -9.32
N SER A 324 9.22 -21.48 -9.72
CA SER A 324 8.77 -21.34 -11.05
C SER A 324 9.85 -20.75 -11.94
N PHE A 325 9.87 -21.13 -13.21
CA PHE A 325 10.45 -20.28 -14.29
C PHE A 325 9.63 -20.42 -15.53
N VAL A 326 9.66 -19.43 -16.39
CA VAL A 326 8.85 -19.46 -17.61
C VAL A 326 9.69 -19.36 -18.89
N GLN A 327 9.09 -19.79 -20.01
CA GLN A 327 9.76 -19.68 -21.25
C GLN A 327 8.76 -18.89 -22.10
N HIS A 328 9.19 -17.70 -22.49
CA HIS A 328 8.28 -16.81 -23.22
C HIS A 328 8.17 -17.24 -24.71
N PRO A 329 7.06 -16.91 -25.36
CA PRO A 329 6.96 -17.15 -26.83
C PRO A 329 8.17 -16.63 -27.68
N GLU A 330 8.82 -15.55 -27.27
CA GLU A 330 10.04 -15.09 -27.92
C GLU A 330 11.18 -16.12 -27.97
N LEU A 331 11.22 -17.02 -26.98
CA LEU A 331 12.15 -18.13 -26.96
C LEU A 331 11.64 -19.37 -27.65
N THR A 332 10.38 -19.72 -27.45
CA THR A 332 9.87 -21.01 -27.90
C THR A 332 9.15 -21.01 -29.26
N GLY A 333 8.68 -19.84 -29.69
CA GLY A 333 7.77 -19.77 -30.85
C GLY A 333 6.32 -20.21 -30.63
N LEU A 334 5.95 -20.47 -29.38
CA LEU A 334 4.60 -20.83 -28.99
C LEU A 334 3.77 -19.56 -28.91
N ASP A 335 2.47 -19.73 -28.69
CA ASP A 335 1.52 -18.58 -28.58
C ASP A 335 1.08 -18.34 -27.13
N CYS A 336 1.84 -18.89 -26.18
CA CYS A 336 1.51 -18.81 -24.77
C CYS A 336 2.84 -18.87 -24.00
N ILE A 337 2.78 -18.48 -22.74
CA ILE A 337 3.96 -18.41 -21.88
C ILE A 337 4.03 -19.79 -21.22
N ARG A 338 5.10 -20.53 -21.49
CA ARG A 338 5.27 -21.91 -20.98
C ARG A 338 5.73 -21.97 -19.51
N PRO A 339 4.96 -22.65 -18.64
CA PRO A 339 5.40 -22.85 -17.25
C PRO A 339 6.39 -23.98 -17.11
N CYS A 340 7.47 -23.73 -16.37
CA CYS A 340 8.44 -24.71 -15.95
C CYS A 340 8.69 -24.57 -14.46
N PHE A 341 9.40 -25.55 -13.90
CA PHE A 341 9.83 -25.42 -12.52
C PHE A 341 11.15 -26.13 -12.26
N TRP A 342 11.81 -25.69 -11.19
CA TRP A 342 12.97 -26.37 -10.68
C TRP A 342 12.80 -26.81 -9.21
N VAL A 343 13.60 -27.80 -8.84
CA VAL A 343 13.71 -28.29 -7.48
C VAL A 343 15.19 -28.36 -7.06
N GLU A 344 15.50 -27.78 -5.91
CA GLU A 344 16.79 -27.85 -5.26
C GLU A 344 16.79 -29.12 -4.37
N LEU A 345 17.83 -29.94 -4.54
CA LEU A 345 17.99 -31.19 -3.78
C LEU A 345 19.10 -30.96 -2.78
N ILE A 346 18.72 -30.63 -1.55
CA ILE A 346 19.65 -30.15 -0.54
C ILE A 346 20.35 -31.36 0.15
N ARG A 347 21.69 -31.32 0.20
CA ARG A 347 22.48 -32.37 0.89
C ARG A 347 23.33 -31.77 2.00
N GLY A 348 23.59 -32.59 3.00
CA GLY A 348 24.43 -32.16 4.11
C GLY A 348 23.63 -31.73 5.33
N ARG A 349 24.12 -30.71 6.02
CA ARG A 349 23.43 -30.23 7.23
C ARG A 349 22.08 -29.56 6.92
N PRO A 350 21.11 -29.62 7.85
CA PRO A 350 21.23 -30.20 9.20
C PRO A 350 20.92 -31.67 9.27
N LYS A 351 20.41 -32.27 8.19
CA LYS A 351 19.90 -33.64 8.27
C LYS A 351 20.97 -34.74 8.16
N GLU A 352 22.16 -34.40 7.66
CA GLU A 352 23.18 -35.40 7.38
C GLU A 352 24.48 -35.02 8.07
N ASN A 353 25.31 -36.03 8.34
CA ASN A 353 26.48 -35.81 9.19
C ASN A 353 27.70 -35.30 8.42
N THR A 354 27.63 -34.05 7.99
CA THR A 354 28.70 -33.42 7.23
C THR A 354 29.07 -32.12 7.87
N ILE A 355 30.17 -31.56 7.43
CA ILE A 355 30.56 -30.21 7.82
C ILE A 355 29.88 -29.13 6.97
N TRP A 356 29.23 -29.53 5.90
CA TRP A 356 28.78 -28.62 4.83
C TRP A 356 27.32 -28.81 4.48
N THR A 357 26.78 -27.83 3.74
CA THR A 357 25.44 -27.91 3.15
C THR A 357 25.53 -27.42 1.70
N SER A 358 25.00 -28.20 0.75
CA SER A 358 24.99 -27.80 -0.66
C SER A 358 23.86 -28.48 -1.38
N GLY A 359 23.57 -28.01 -2.60
CA GLY A 359 22.48 -28.63 -3.37
C GLY A 359 22.83 -28.93 -4.81
N SER A 360 22.05 -29.84 -5.40
CA SER A 360 21.97 -30.00 -6.84
C SER A 360 20.56 -29.60 -7.28
N SER A 361 20.29 -29.74 -8.57
CA SER A 361 19.00 -29.34 -9.11
C SER A 361 18.49 -30.26 -10.21
N ILE A 362 17.17 -30.23 -10.34
CA ILE A 362 16.40 -30.81 -11.43
C ILE A 362 15.39 -29.76 -11.91
N SER A 363 14.96 -29.84 -13.17
CA SER A 363 13.92 -28.96 -13.71
C SER A 363 13.07 -29.68 -14.74
N PHE A 364 11.84 -29.17 -14.92
CA PHE A 364 10.79 -29.77 -15.76
C PHE A 364 10.04 -28.65 -16.47
N CYS A 365 9.49 -28.93 -17.63
CA CYS A 365 8.60 -27.99 -18.31
C CYS A 365 7.28 -28.59 -18.56
N GLY A 366 6.23 -27.76 -18.51
CA GLY A 366 4.86 -28.24 -18.71
C GLY A 366 4.60 -28.49 -20.18
N VAL A 367 3.91 -29.61 -20.46
CA VAL A 367 3.51 -29.99 -21.80
C VAL A 367 2.07 -30.52 -21.80
N ASN A 368 1.52 -30.78 -22.99
CA ASN A 368 0.22 -31.50 -23.12
C ASN A 368 0.32 -32.89 -23.78
N SER A 369 1.53 -33.32 -24.01
CA SER A 369 1.81 -34.60 -24.57
C SER A 369 2.13 -35.52 -23.38
N ASP A 370 2.42 -36.77 -23.66
CA ASP A 370 2.56 -37.77 -22.60
C ASP A 370 3.76 -37.55 -21.69
N THR A 371 3.56 -37.81 -20.40
CA THR A 371 4.62 -37.68 -19.39
C THR A 371 4.55 -38.87 -18.43
N VAL A 372 5.48 -38.92 -17.50
CA VAL A 372 5.54 -39.98 -16.50
C VAL A 372 6.13 -39.49 -15.20
N GLY A 373 5.63 -40.03 -14.10
CA GLY A 373 6.21 -39.81 -12.80
C GLY A 373 7.38 -40.75 -12.59
N TRP A 374 8.36 -40.28 -11.85
CA TRP A 374 9.47 -41.11 -11.40
C TRP A 374 10.11 -40.41 -10.18
N SER A 375 11.35 -40.82 -9.84
CA SER A 375 12.15 -40.13 -8.85
C SER A 375 13.51 -39.82 -9.47
N TRP A 376 13.91 -38.56 -9.41
CA TRP A 376 15.19 -38.10 -9.95
C TRP A 376 15.88 -37.38 -8.83
N PRO A 377 16.45 -38.14 -7.88
CA PRO A 377 17.01 -37.53 -6.69
C PRO A 377 18.45 -37.05 -6.91
N ASP A 378 19.05 -36.51 -5.86
CA ASP A 378 20.45 -36.02 -5.94
C ASP A 378 21.44 -37.14 -6.28
N GLY A 379 21.39 -38.22 -5.50
CA GLY A 379 22.25 -39.37 -5.74
C GLY A 379 23.66 -39.39 -5.18
N ALA A 380 24.10 -38.35 -4.47
CA ALA A 380 25.42 -38.42 -3.89
C ALA A 380 25.40 -39.34 -2.64
N GLU A 381 26.55 -39.87 -2.32
CA GLU A 381 26.76 -40.78 -1.19
C GLU A 381 27.54 -40.02 -0.14
N LEU A 382 26.84 -39.67 0.93
CA LEU A 382 27.41 -38.86 2.02
C LEU A 382 27.78 -39.80 3.20
N PRO A 383 28.70 -39.41 4.08
CA PRO A 383 29.53 -38.22 3.97
C PRO A 383 30.62 -38.31 2.88
N PHE A 384 31.30 -37.19 2.70
CA PHE A 384 32.41 -37.06 1.76
C PHE A 384 33.75 -37.15 2.49
N THR A 385 34.82 -37.25 1.69
CA THR A 385 36.17 -37.32 2.22
C THR A 385 36.49 -36.26 3.27
N ILE A 386 36.05 -35.03 3.02
CA ILE A 386 36.33 -33.91 3.91
C ILE A 386 35.65 -34.03 5.28
N ASP A 387 34.63 -34.87 5.40
CA ASP A 387 33.80 -34.93 6.59
C ASP A 387 34.40 -35.91 7.61
N SER B 1 2.86 19.73 30.47
CA SER B 1 2.63 19.47 28.96
C SER B 1 2.73 17.98 28.59
N VAL B 2 1.63 17.38 28.09
CA VAL B 2 1.52 15.94 27.93
C VAL B 2 0.86 15.63 26.59
N LYS B 3 1.32 14.58 25.92
CA LYS B 3 0.78 14.18 24.64
C LYS B 3 -0.68 13.76 24.79
N LEU B 4 -1.50 14.11 23.80
CA LEU B 4 -2.88 13.63 23.79
C LEU B 4 -2.89 12.12 23.67
N ALA B 5 -3.71 11.46 24.49
CA ALA B 5 -3.80 9.98 24.42
C ALA B 5 -4.47 9.47 23.13
N GLY B 6 -5.67 10.00 22.87
CA GLY B 6 -6.41 9.59 21.69
C GLY B 6 -6.97 8.21 21.70
N ASN B 7 -7.07 7.62 22.89
CA ASN B 7 -7.51 6.26 23.06
C ASN B 7 -8.95 6.01 23.53
N SER B 8 -9.66 7.10 23.86
CA SER B 8 -11.08 6.99 24.23
C SER B 8 -11.93 7.01 22.95
N SER B 9 -13.20 6.64 23.05
CA SER B 9 -14.06 6.63 21.87
C SER B 9 -14.74 7.99 21.63
N LEU B 10 -15.27 8.16 20.43
CA LEU B 10 -15.97 9.39 20.05
C LEU B 10 -17.21 9.48 20.93
N CYS B 11 -17.49 10.65 21.46
CA CYS B 11 -18.67 10.81 22.29
C CYS B 11 -19.94 10.64 21.47
N PRO B 12 -20.86 9.76 21.90
CA PRO B 12 -22.12 9.74 21.15
C PRO B 12 -22.90 11.01 21.44
N VAL B 13 -23.55 11.52 20.40
CA VAL B 13 -24.28 12.80 20.39
C VAL B 13 -25.65 12.76 19.72
N SER B 14 -26.58 13.55 20.29
CA SER B 14 -27.96 13.63 19.80
C SER B 14 -28.19 14.84 18.97
N GLY B 15 -27.30 15.85 19.05
CA GLY B 15 -27.48 17.04 18.25
C GLY B 15 -26.30 17.98 18.44
N TRP B 16 -26.37 19.11 17.77
CA TRP B 16 -25.23 20.01 17.57
C TRP B 16 -25.57 21.39 18.11
N ALA B 17 -24.78 21.85 19.07
CA ALA B 17 -24.93 23.15 19.75
C ALA B 17 -23.98 24.15 19.05
N ILE B 18 -24.46 25.35 18.74
CA ILE B 18 -23.61 26.30 18.03
C ILE B 18 -22.43 26.76 18.91
N TYR B 19 -21.26 26.75 18.29
CA TYR B 19 -19.99 27.02 18.98
C TYR B 19 -19.35 28.34 18.60
N SER B 20 -19.29 28.67 17.30
CA SER B 20 -18.72 29.94 16.85
C SER B 20 -19.36 30.47 15.56
N LYS B 21 -19.19 31.75 15.36
CA LYS B 21 -19.55 32.42 14.09
C LYS B 21 -18.72 33.66 14.02
N ASP B 22 -17.98 33.85 12.92
CA ASP B 22 -17.04 34.97 12.83
C ASP B 22 -17.55 36.20 12.07
N ASN B 23 -18.53 36.08 11.19
CA ASN B 23 -19.06 37.23 10.42
C ASN B 23 -17.99 37.94 9.58
N SER B 24 -17.03 37.18 9.08
CA SER B 24 -15.83 37.76 8.46
C SER B 24 -16.14 38.69 7.27
N VAL B 25 -17.04 38.24 6.41
CA VAL B 25 -17.32 38.99 5.18
C VAL B 25 -18.07 40.29 5.51
N ARG B 26 -19.09 40.22 6.37
CA ARG B 26 -19.82 41.40 6.85
C ARG B 26 -18.86 42.42 7.41
N ILE B 27 -17.94 41.96 8.25
CA ILE B 27 -17.00 42.86 8.94
C ILE B 27 -15.97 43.46 7.99
N GLY B 28 -15.54 42.68 7.02
CA GLY B 28 -14.51 43.07 6.07
C GLY B 28 -14.99 44.06 5.02
N SER B 29 -16.29 44.31 4.96
CA SER B 29 -16.83 45.40 4.16
C SER B 29 -16.19 46.72 4.57
N LYS B 30 -15.89 46.86 5.85
CA LYS B 30 -15.14 48.05 6.35
C LYS B 30 -13.80 47.72 6.96
N GLY B 31 -13.77 46.72 7.84
CA GLY B 31 -12.55 46.36 8.59
C GLY B 31 -11.48 45.68 7.72
N ASP B 32 -10.29 45.49 8.30
CA ASP B 32 -9.17 44.93 7.55
C ASP B 32 -9.12 43.43 7.76
N VAL B 33 -9.81 42.70 6.87
CA VAL B 33 -10.06 41.30 7.02
C VAL B 33 -9.52 40.63 5.76
N PHE B 34 -8.73 39.59 5.97
CA PHE B 34 -8.16 38.82 4.87
C PHE B 34 -9.23 38.21 3.99
N VAL B 35 -9.00 38.25 2.69
CA VAL B 35 -9.65 37.33 1.75
C VAL B 35 -9.11 35.94 2.08
N ILE B 36 -10.01 34.96 2.33
CA ILE B 36 -9.62 33.60 2.72
C ILE B 36 -10.56 32.59 2.09
N ARG B 37 -10.04 31.39 1.90
CA ARG B 37 -10.89 30.23 1.72
C ARG B 37 -10.19 29.04 2.39
N GLU B 38 -10.83 27.89 2.35
CA GLU B 38 -10.31 26.68 2.96
C GLU B 38 -9.98 26.89 4.47
N PRO B 39 -10.93 27.49 5.22
CA PRO B 39 -10.72 27.58 6.65
C PRO B 39 -10.92 26.23 7.32
N PHE B 40 -10.35 26.08 8.51
CA PHE B 40 -10.65 24.95 9.35
C PHE B 40 -10.35 25.24 10.81
N ILE B 41 -10.87 24.40 11.73
CA ILE B 41 -10.64 24.61 13.13
C ILE B 41 -9.81 23.45 13.67
N SER B 42 -8.96 23.76 14.64
CA SER B 42 -8.23 22.74 15.38
C SER B 42 -7.86 23.26 16.74
N CYS B 43 -7.77 22.34 17.71
CA CYS B 43 -7.58 22.73 19.12
C CYS B 43 -6.33 22.14 19.74
N SER B 44 -5.74 22.89 20.66
CA SER B 44 -4.70 22.36 21.55
C SER B 44 -5.35 21.86 22.86
N PRO B 45 -4.53 21.50 23.88
CA PRO B 45 -5.14 21.28 25.21
C PRO B 45 -5.65 22.55 25.90
N LEU B 46 -5.26 23.72 25.40
CA LEU B 46 -5.64 25.01 25.99
C LEU B 46 -6.59 25.91 25.15
N GLU B 47 -6.63 25.79 23.82
CA GLU B 47 -7.48 26.72 22.99
C GLU B 47 -7.82 26.12 21.61
N CYS B 48 -8.83 26.68 20.99
CA CYS B 48 -9.18 26.33 19.62
C CYS B 48 -8.90 27.51 18.71
N ARG B 49 -8.34 27.18 17.54
CA ARG B 49 -7.98 28.17 16.54
C ARG B 49 -8.63 27.91 15.20
N THR B 50 -8.87 28.97 14.45
CA THR B 50 -9.30 28.89 13.07
C THR B 50 -8.02 29.04 12.23
N PHE B 51 -7.72 28.03 11.40
CA PHE B 51 -6.67 28.10 10.36
C PHE B 51 -7.37 28.46 9.02
N PHE B 52 -6.62 29.03 8.10
CA PHE B 52 -7.18 29.51 6.81
C PHE B 52 -6.06 29.81 5.83
N LEU B 53 -6.42 29.71 4.55
CA LEU B 53 -5.53 30.08 3.47
C LEU B 53 -5.90 31.47 2.99
N THR B 54 -5.09 32.45 3.38
CA THR B 54 -5.25 33.80 2.85
C THR B 54 -4.90 33.85 1.35
N GLN B 55 -5.34 34.90 0.69
CA GLN B 55 -4.95 35.21 -0.68
C GLN B 55 -3.96 36.38 -0.69
N GLY B 56 -3.32 36.65 0.44
CA GLY B 56 -2.41 37.80 0.55
C GLY B 56 -3.02 39.15 0.18
N ALA B 57 -4.30 39.34 0.54
CA ALA B 57 -5.06 40.53 0.18
C ALA B 57 -6.17 40.69 1.20
N LEU B 58 -6.70 41.90 1.30
CA LEU B 58 -7.85 42.21 2.14
C LEU B 58 -9.13 42.38 1.37
N LEU B 59 -10.25 42.11 2.03
CA LEU B 59 -11.56 42.36 1.45
C LEU B 59 -11.77 43.84 1.13
N ASN B 60 -12.47 44.07 0.02
CA ASN B 60 -12.82 45.39 -0.46
C ASN B 60 -11.60 46.21 -0.90
N ASP B 61 -10.52 45.50 -1.27
CA ASP B 61 -9.35 46.11 -1.86
C ASP B 61 -9.11 45.52 -3.23
N LYS B 62 -8.49 46.31 -4.11
CA LYS B 62 -8.23 45.82 -5.47
C LYS B 62 -7.43 44.52 -5.53
N HIS B 63 -6.57 44.23 -4.55
CA HIS B 63 -5.78 42.97 -4.62
C HIS B 63 -6.62 41.70 -4.39
N SER B 64 -7.86 41.88 -3.93
CA SER B 64 -8.84 40.78 -3.93
C SER B 64 -9.28 40.32 -5.31
N ASN B 65 -8.94 41.10 -6.35
CA ASN B 65 -9.29 40.70 -7.74
C ASN B 65 -8.71 39.34 -8.13
N GLY B 66 -9.54 38.52 -8.77
CA GLY B 66 -9.12 37.23 -9.30
C GLY B 66 -8.90 36.11 -8.29
N THR B 67 -9.44 36.29 -7.08
CA THR B 67 -9.28 35.30 -5.98
C THR B 67 -10.12 34.03 -6.10
N ILE B 68 -10.89 33.88 -7.19
CA ILE B 68 -11.36 32.57 -7.61
C ILE B 68 -10.17 31.61 -7.87
N LYS B 69 -9.02 32.16 -8.21
CA LYS B 69 -7.86 31.32 -8.50
C LYS B 69 -7.36 30.59 -7.24
N ASP B 70 -7.13 29.29 -7.38
CA ASP B 70 -6.77 28.42 -6.22
C ASP B 70 -5.33 28.51 -5.70
N ARG B 71 -4.34 28.57 -6.59
CA ARG B 71 -2.93 28.41 -6.20
C ARG B 71 -2.13 29.58 -6.74
N SER B 72 -1.40 30.23 -5.85
CA SER B 72 -0.53 31.34 -6.20
C SER B 72 0.57 31.39 -5.19
N PRO B 73 1.65 32.15 -5.47
CA PRO B 73 2.69 32.34 -4.46
C PRO B 73 2.39 33.32 -3.33
N TYR B 74 1.21 33.93 -3.34
CA TYR B 74 0.81 34.89 -2.30
C TYR B 74 0.02 34.23 -1.19
N ARG B 75 -0.48 33.02 -1.41
CA ARG B 75 -1.33 32.37 -0.41
C ARG B 75 -0.50 31.89 0.76
N THR B 76 -1.03 32.16 1.95
CA THR B 76 -0.38 31.78 3.21
C THR B 76 -1.38 31.15 4.16
N LEU B 77 -0.87 30.17 4.90
CA LEU B 77 -1.59 29.58 6.01
C LEU B 77 -1.37 30.45 7.23
N MET B 78 -2.46 30.90 7.84
CA MET B 78 -2.42 31.73 9.06
C MET B 78 -3.49 31.20 10.00
N SER B 79 -3.54 31.70 11.23
CA SER B 79 -4.52 31.27 12.18
C SER B 79 -4.89 32.37 13.12
N CYS B 80 -6.08 32.28 13.68
CA CYS B 80 -6.48 33.23 14.74
C CYS B 80 -7.35 32.52 15.74
N PRO B 81 -7.70 33.17 16.86
CA PRO B 81 -8.61 32.48 17.78
C PRO B 81 -9.97 32.24 17.19
N ILE B 82 -10.59 31.12 17.57
CA ILE B 82 -11.87 30.74 17.02
C ILE B 82 -12.92 31.87 17.20
N GLY B 83 -13.66 32.17 16.11
CA GLY B 83 -14.74 33.14 16.16
C GLY B 83 -14.33 34.59 15.95
N GLU B 84 -13.03 34.86 15.93
CA GLU B 84 -12.53 36.19 15.57
C GLU B 84 -12.34 36.27 14.05
N VAL B 85 -12.55 37.45 13.45
CA VAL B 85 -12.29 37.63 12.02
C VAL B 85 -10.80 37.50 11.73
N PRO B 86 -10.43 36.90 10.60
CA PRO B 86 -9.02 36.78 10.25
C PRO B 86 -8.47 38.10 9.73
N SER B 87 -7.75 38.83 10.59
CA SER B 87 -7.15 40.08 10.24
CA SER B 87 -7.13 40.10 10.24
C SER B 87 -5.62 40.03 10.32
N PRO B 88 -4.93 40.94 9.60
CA PRO B 88 -3.50 41.09 9.84
C PRO B 88 -3.16 41.49 11.30
N TYR B 89 -4.13 42.04 12.03
CA TYR B 89 -3.84 42.52 13.36
C TYR B 89 -4.08 41.49 14.46
N ASN B 90 -4.68 40.34 14.13
CA ASN B 90 -4.85 39.28 15.12
C ASN B 90 -4.45 37.89 14.65
N SER B 91 -3.87 37.78 13.47
CA SER B 91 -3.56 36.49 12.94
C SER B 91 -2.11 36.12 13.04
N ARG B 92 -1.90 34.90 13.53
CA ARG B 92 -0.53 34.31 13.55
CA ARG B 92 -0.52 34.32 13.56
C ARG B 92 -0.06 33.59 12.15
N PHE B 93 1.12 33.99 11.72
CA PHE B 93 1.64 33.43 10.48
C PHE B 93 2.07 31.98 10.70
N GLU B 94 1.65 31.09 9.82
CA GLU B 94 2.01 29.68 9.96
C GLU B 94 2.96 29.21 8.88
N SER B 95 2.57 29.39 7.61
CA SER B 95 3.34 28.80 6.51
C SER B 95 2.94 29.46 5.18
N VAL B 96 3.79 29.33 4.17
CA VAL B 96 3.41 29.79 2.79
C VAL B 96 2.74 28.56 2.22
N ALA B 97 1.51 28.72 1.72
CA ALA B 97 0.72 27.52 1.40
C ALA B 97 -0.50 27.86 0.53
N TRP B 98 -0.76 26.99 -0.44
CA TRP B 98 -2.03 26.96 -1.13
C TRP B 98 -2.85 25.69 -0.90
N SER B 99 -2.36 24.81 -0.01
CA SER B 99 -3.10 23.67 0.52
C SER B 99 -2.43 23.34 1.88
N ALA B 100 -3.21 22.93 2.86
CA ALA B 100 -2.72 22.79 4.23
C ALA B 100 -3.43 21.81 5.14
N SER B 101 -2.77 21.50 6.26
CA SER B 101 -3.35 20.80 7.38
C SER B 101 -2.60 21.30 8.62
N ALA B 102 -3.17 21.12 9.79
CA ALA B 102 -2.53 21.41 11.04
C ALA B 102 -3.20 20.60 12.17
N CYS B 103 -2.46 20.34 13.27
CA CYS B 103 -2.98 19.62 14.44
C CYS B 103 -1.97 19.67 15.58
N HIS B 104 -2.48 19.64 16.81
CA HIS B 104 -1.67 19.81 18.02
C HIS B 104 -1.59 18.44 18.68
N ASP B 105 -0.39 17.99 18.95
CA ASP B 105 -0.18 16.63 19.56
C ASP B 105 -0.30 16.57 21.12
N GLY B 106 -0.60 17.71 21.72
CA GLY B 106 -0.58 17.89 23.17
C GLY B 106 0.60 18.69 23.63
N ILE B 107 1.68 18.73 22.84
CA ILE B 107 2.90 19.46 23.17
C ILE B 107 3.08 20.68 22.26
N ASN B 108 3.05 20.50 20.93
CA ASN B 108 3.18 21.62 19.99
C ASN B 108 2.30 21.44 18.76
N TRP B 109 2.12 22.56 18.06
CA TRP B 109 1.46 22.59 16.77
C TRP B 109 2.32 22.00 15.63
N LEU B 110 1.71 21.08 14.89
CA LEU B 110 2.18 20.65 13.59
C LEU B 110 1.38 21.46 12.49
N THR B 111 2.11 22.11 11.61
CA THR B 111 1.49 22.71 10.40
C THR B 111 2.12 22.09 9.15
N ILE B 112 1.29 21.87 8.15
CA ILE B 112 1.74 21.35 6.85
C ILE B 112 1.26 22.37 5.82
N GLY B 113 2.19 23.03 5.13
CA GLY B 113 1.83 24.01 4.09
C GLY B 113 2.49 23.63 2.76
N ILE B 114 1.67 23.44 1.72
CA ILE B 114 2.17 23.10 0.39
C ILE B 114 2.22 24.32 -0.51
N SER B 115 3.41 24.62 -1.08
CA SER B 115 3.55 25.69 -2.06
C SER B 115 4.44 25.19 -3.21
N GLY B 116 4.76 26.11 -4.12
CA GLY B 116 5.55 25.76 -5.31
C GLY B 116 4.69 25.52 -6.55
N PRO B 117 5.32 25.08 -7.66
CA PRO B 117 4.59 24.88 -8.92
C PRO B 117 3.72 23.64 -8.92
N ASP B 118 2.75 23.63 -9.80
CA ASP B 118 1.86 22.47 -9.92
C ASP B 118 2.61 21.18 -10.25
N ASN B 119 3.72 21.27 -10.95
CA ASN B 119 4.48 20.06 -11.37
C ASN B 119 5.56 19.60 -10.40
N GLY B 120 5.67 20.26 -9.25
CA GLY B 120 6.67 19.86 -8.26
C GLY B 120 6.49 20.53 -6.92
N ALA B 121 5.24 20.55 -6.43
CA ALA B 121 4.96 21.22 -5.19
C ALA B 121 5.62 20.48 -4.01
N VAL B 122 5.90 21.25 -2.97
CA VAL B 122 6.55 20.73 -1.75
C VAL B 122 5.76 21.10 -0.51
N ALA B 123 5.49 20.09 0.33
CA ALA B 123 4.86 20.30 1.65
C ALA B 123 5.99 20.58 2.62
N VAL B 124 5.86 21.70 3.33
CA VAL B 124 6.77 22.11 4.38
C VAL B 124 6.07 21.81 5.70
N LEU B 125 6.70 20.96 6.54
CA LEU B 125 6.20 20.60 7.85
C LEU B 125 6.91 21.42 8.87
N LYS B 126 6.14 22.02 9.77
CA LYS B 126 6.72 22.77 10.92
C LYS B 126 6.18 22.20 12.25
N TYR B 127 7.03 22.15 13.27
CA TYR B 127 6.64 21.78 14.58
C TYR B 127 7.08 22.92 15.47
N ASN B 128 6.15 23.50 16.20
CA ASN B 128 6.39 24.73 16.95
C ASN B 128 7.01 25.80 16.08
N GLY B 129 6.57 25.91 14.84
CA GLY B 129 7.01 27.01 13.95
C GLY B 129 8.39 26.87 13.30
N ILE B 130 9.05 25.74 13.52
CA ILE B 130 10.39 25.44 13.00
C ILE B 130 10.24 24.37 11.95
N ILE B 131 10.89 24.54 10.80
CA ILE B 131 10.80 23.51 9.74
C ILE B 131 11.43 22.23 10.25
N THR B 132 10.68 21.12 10.13
CA THR B 132 11.11 19.82 10.59
C THR B 132 11.14 18.76 9.50
N ASP B 133 10.52 19.01 8.35
CA ASP B 133 10.51 18.04 7.27
C ASP B 133 9.91 18.66 6.04
N THR B 134 10.19 18.00 4.91
CA THR B 134 9.51 18.34 3.68
C THR B 134 9.18 17.06 2.95
N ILE B 135 8.21 17.17 2.05
CA ILE B 135 7.89 16.06 1.17
C ILE B 135 7.45 16.63 -0.17
N LYS B 136 8.07 16.13 -1.23
CA LYS B 136 7.84 16.66 -2.56
C LYS B 136 6.87 15.79 -3.34
N SER B 137 6.12 16.43 -4.24
CA SER B 137 5.24 15.79 -5.18
C SER B 137 5.89 14.53 -5.80
N TRP B 138 5.17 13.40 -5.75
CA TRP B 138 5.62 12.12 -6.35
C TRP B 138 4.93 11.76 -7.68
N ARG B 139 3.88 12.49 -8.05
CA ARG B 139 3.26 12.36 -9.37
C ARG B 139 3.31 13.63 -10.19
N ASN B 140 3.91 14.70 -9.67
CA ASN B 140 4.05 15.93 -10.43
C ASN B 140 2.74 16.53 -10.95
N ASN B 141 1.69 16.42 -10.14
CA ASN B 141 0.40 16.92 -10.49
C ASN B 141 -0.41 17.38 -9.27
N ILE B 142 -0.03 18.57 -8.77
CA ILE B 142 -0.69 19.29 -7.68
C ILE B 142 -0.73 18.48 -6.40
N LEU B 143 0.41 18.25 -5.80
CA LEU B 143 0.50 17.67 -4.43
C LEU B 143 -0.42 18.50 -3.51
N ARG B 144 -1.29 17.82 -2.77
CA ARG B 144 -2.35 18.51 -2.03
C ARG B 144 -2.82 17.71 -0.83
N THR B 145 -3.49 18.37 0.12
CA THR B 145 -3.83 17.71 1.37
C THR B 145 -5.24 18.13 1.91
N GLN B 146 -5.43 17.93 3.20
CA GLN B 146 -6.78 17.87 3.79
C GLN B 146 -7.62 19.17 3.69
N GLU B 147 -7.00 20.32 3.94
CA GLU B 147 -7.74 21.54 4.27
C GLU B 147 -8.59 21.40 5.52
N SER B 148 -8.16 20.52 6.47
CA SER B 148 -8.76 20.48 7.77
C SER B 148 -7.71 19.84 8.67
N GLU B 149 -8.04 19.70 9.93
CA GLU B 149 -7.07 19.20 10.91
C GLU B 149 -6.59 17.78 10.66
N CYS B 150 -5.29 17.56 10.85
CA CYS B 150 -4.73 16.20 11.01
C CYS B 150 -5.19 15.63 12.36
N ALA B 151 -4.87 14.36 12.62
CA ALA B 151 -5.35 13.67 13.78
C ALA B 151 -4.21 13.04 14.54
N CYS B 152 -4.21 13.18 15.88
CA CYS B 152 -3.09 12.75 16.72
C CYS B 152 -3.54 11.76 17.78
N VAL B 153 -2.66 10.78 18.02
CA VAL B 153 -2.82 9.71 18.98
C VAL B 153 -1.43 9.40 19.55
N ASN B 154 -1.33 9.52 20.85
CA ASN B 154 -0.13 9.18 21.62
C ASN B 154 1.17 9.70 21.01
N GLY B 155 1.20 10.97 20.63
CA GLY B 155 2.44 11.57 20.11
C GLY B 155 2.69 11.42 18.61
N SER B 156 1.85 10.65 17.90
CA SER B 156 1.96 10.55 16.47
C SER B 156 0.75 11.23 15.87
N CYS B 157 0.95 11.96 14.78
CA CYS B 157 -0.13 12.62 14.04
C CYS B 157 -0.16 12.12 12.60
N PHE B 158 -1.34 12.14 12.01
CA PHE B 158 -1.66 11.41 10.80
C PHE B 158 -2.42 12.31 9.82
N THR B 159 -2.08 12.18 8.54
CA THR B 159 -2.73 12.94 7.46
C THR B 159 -2.73 12.13 6.17
N VAL B 160 -3.44 12.63 5.17
CA VAL B 160 -3.55 12.02 3.86
C VAL B 160 -3.23 13.10 2.85
N MET B 161 -2.43 12.76 1.83
CA MET B 161 -2.18 13.64 0.70
C MET B 161 -2.47 12.94 -0.61
N THR B 162 -2.82 13.73 -1.61
CA THR B 162 -3.12 13.22 -2.96
C THR B 162 -2.21 13.90 -3.98
N ASP B 163 -1.89 13.18 -5.05
CA ASP B 163 -1.09 13.72 -6.15
C ASP B 163 -1.60 13.01 -7.39
N GLY B 164 -1.86 13.78 -8.45
CA GLY B 164 -2.47 13.24 -9.66
C GLY B 164 -3.74 13.95 -10.09
N PRO B 165 -4.44 13.39 -11.12
CA PRO B 165 -5.67 13.99 -11.62
C PRO B 165 -6.76 14.20 -10.56
N SER B 166 -7.51 15.29 -10.74
CA SER B 166 -8.68 15.58 -9.94
C SER B 166 -9.96 15.07 -10.62
N ASN B 167 -9.81 14.40 -11.77
CA ASN B 167 -10.93 13.95 -12.59
C ASN B 167 -10.69 12.54 -13.14
N GLY B 168 -9.90 11.76 -12.41
CA GLY B 168 -9.57 10.39 -12.79
C GLY B 168 -8.78 9.76 -11.68
N GLN B 169 -8.30 8.55 -11.89
CA GLN B 169 -7.50 7.85 -10.88
C GLN B 169 -6.29 8.71 -10.49
N ALA B 170 -6.07 8.89 -9.19
CA ALA B 170 -4.89 9.56 -8.68
C ALA B 170 -4.19 8.65 -7.65
N SER B 171 -3.20 9.18 -6.95
CA SER B 171 -2.42 8.47 -5.95
C SER B 171 -2.65 9.12 -4.58
N TYR B 172 -2.81 8.26 -3.57
CA TYR B 172 -3.24 8.70 -2.22
C TYR B 172 -2.29 8.04 -1.23
N LYS B 173 -1.68 8.85 -0.37
CA LYS B 173 -0.77 8.36 0.67
C LYS B 173 -1.18 8.80 2.06
N ILE B 174 -0.91 7.91 3.04
CA ILE B 174 -1.16 8.15 4.45
C ILE B 174 0.20 8.35 5.10
N PHE B 175 0.29 9.32 6.00
CA PHE B 175 1.52 9.63 6.66
C PHE B 175 1.40 9.59 8.17
N ARG B 176 2.42 9.02 8.83
CA ARG B 176 2.58 9.16 10.29
C ARG B 176 3.72 10.12 10.60
N ILE B 177 3.45 11.10 11.45
CA ILE B 177 4.38 12.16 11.73
C ILE B 177 4.59 12.28 13.23
N GLU B 178 5.86 12.37 13.66
CA GLU B 178 6.18 12.54 15.08
C GLU B 178 7.10 13.77 15.22
N LYS B 179 6.68 14.74 16.02
CA LYS B 179 7.45 15.96 16.23
C LYS B 179 7.81 16.64 14.89
N GLY B 180 6.84 16.59 13.98
CA GLY B 180 6.99 17.20 12.65
C GLY B 180 7.87 16.49 11.65
N LYS B 181 8.32 15.27 11.98
CA LYS B 181 9.08 14.40 11.06
C LYS B 181 8.26 13.25 10.56
N ILE B 182 8.29 13.04 9.24
CA ILE B 182 7.58 11.87 8.67
C ILE B 182 8.36 10.63 9.09
N VAL B 183 7.71 9.68 9.79
CA VAL B 183 8.37 8.45 10.25
C VAL B 183 7.92 7.24 9.46
N LYS B 184 6.77 7.33 8.80
CA LYS B 184 6.22 6.26 7.99
C LYS B 184 5.20 6.84 7.00
N SER B 185 5.11 6.22 5.84
CA SER B 185 4.09 6.55 4.83
C SER B 185 3.78 5.29 4.06
N VAL B 186 2.54 5.18 3.63
CA VAL B 186 2.13 4.07 2.77
C VAL B 186 1.25 4.63 1.66
N GLU B 187 1.39 4.09 0.47
CA GLU B 187 0.46 4.41 -0.62
C GLU B 187 -0.77 3.51 -0.56
N MET B 188 -1.96 4.11 -0.51
CA MET B 188 -3.20 3.35 -0.54
C MET B 188 -3.35 2.65 -1.89
N ASN B 189 -3.68 1.37 -1.84
CA ASN B 189 -3.99 0.56 -3.04
C ASN B 189 -5.49 0.69 -3.25
N ALA B 190 -5.94 1.70 -4.00
CA ALA B 190 -7.35 2.00 -4.11
C ALA B 190 -7.72 2.30 -5.57
N PRO B 191 -7.55 1.27 -6.44
CA PRO B 191 -8.03 1.41 -7.81
C PRO B 191 -9.54 1.66 -7.86
N ASN B 192 -9.94 2.61 -8.72
CA ASN B 192 -11.31 3.03 -8.90
C ASN B 192 -11.89 3.88 -7.74
N TYR B 193 -11.08 4.20 -6.76
CA TYR B 193 -11.46 5.11 -5.67
C TYR B 193 -10.84 6.46 -5.99
N HIS B 194 -11.42 7.50 -5.39
CA HIS B 194 -10.86 8.83 -5.49
C HIS B 194 -10.95 9.55 -4.17
N TYR B 195 -9.81 10.06 -3.70
CA TYR B 195 -9.71 10.71 -2.40
C TYR B 195 -9.16 12.11 -2.50
N GLU B 196 -9.95 13.06 -1.99
CA GLU B 196 -9.53 14.45 -1.90
C GLU B 196 -9.95 15.00 -0.57
N GLU B 197 -9.14 15.92 -0.04
CA GLU B 197 -9.58 16.80 1.08
C GLU B 197 -10.20 16.04 2.25
N CYS B 198 -9.45 15.05 2.75
CA CYS B 198 -9.96 14.24 3.83
C CYS B 198 -10.24 14.95 5.17
N SER B 199 -11.38 14.61 5.79
CA SER B 199 -11.67 15.05 7.17
C SER B 199 -11.41 13.84 8.04
N CYS B 200 -10.33 13.93 8.83
CA CYS B 200 -9.78 12.82 9.63
C CYS B 200 -9.85 13.15 11.12
N TYR B 201 -10.27 12.17 11.90
CA TYR B 201 -10.40 12.30 13.33
C TYR B 201 -9.96 11.02 13.98
N PRO B 202 -9.48 11.11 15.22
CA PRO B 202 -9.12 9.97 16.07
C PRO B 202 -10.31 9.41 16.85
N ASP B 203 -10.32 8.11 17.05
CA ASP B 203 -11.45 7.46 17.76
C ASP B 203 -10.85 6.11 18.24
N SER B 204 -10.75 5.93 19.53
CA SER B 204 -10.28 4.65 20.10
CA SER B 204 -10.21 4.71 20.16
C SER B 204 -8.89 4.21 19.50
N SER B 205 -7.94 5.15 19.47
CA SER B 205 -6.57 4.91 18.96
C SER B 205 -6.38 4.72 17.45
N GLU B 206 -7.44 4.85 16.66
CA GLU B 206 -7.39 4.63 15.23
C GLU B 206 -7.95 5.88 14.59
N ILE B 207 -7.64 6.05 13.31
CA ILE B 207 -8.02 7.24 12.55
C ILE B 207 -9.05 6.89 11.51
N THR B 208 -10.13 7.68 11.43
CA THR B 208 -11.11 7.53 10.36
C THR B 208 -11.12 8.83 9.57
N CYS B 209 -11.01 8.69 8.27
CA CYS B 209 -11.07 9.84 7.34
C CYS B 209 -12.21 9.66 6.39
N VAL B 210 -12.98 10.73 6.19
CA VAL B 210 -14.10 10.78 5.21
C VAL B 210 -13.78 11.92 4.25
N CYS B 211 -13.82 11.62 2.95
CA CYS B 211 -13.17 12.47 1.98
C CYS B 211 -14.14 12.81 0.85
N ARG B 212 -13.60 13.34 -0.23
CA ARG B 212 -14.34 13.77 -1.43
C ARG B 212 -13.83 12.98 -2.65
N ASP B 213 -14.73 12.30 -3.35
CA ASP B 213 -14.44 11.70 -4.64
C ASP B 213 -14.83 12.73 -5.72
N ASN B 214 -13.83 13.32 -6.37
CA ASN B 214 -14.06 14.33 -7.41
C ASN B 214 -14.18 13.76 -8.82
N TRP B 215 -13.96 12.46 -8.94
CA TRP B 215 -13.91 11.73 -10.21
C TRP B 215 -15.29 11.16 -10.57
N HIS B 216 -15.81 10.26 -9.76
CA HIS B 216 -17.03 9.53 -10.12
CA HIS B 216 -17.04 9.55 -10.12
C HIS B 216 -17.84 9.00 -8.94
N GLY B 217 -17.89 9.77 -7.85
CA GLY B 217 -18.66 9.35 -6.69
C GLY B 217 -19.45 10.49 -6.09
N SER B 218 -20.75 10.30 -5.88
CA SER B 218 -21.58 11.31 -5.20
C SER B 218 -21.86 10.94 -3.72
N ASN B 219 -21.48 9.73 -3.33
CA ASN B 219 -21.25 9.38 -1.93
C ASN B 219 -19.76 9.62 -1.57
N ARG B 220 -19.43 9.61 -0.29
CA ARG B 220 -18.07 9.93 0.17
C ARG B 220 -17.24 8.69 0.41
N PRO B 221 -15.98 8.68 -0.08
CA PRO B 221 -15.08 7.61 0.24
C PRO B 221 -14.54 7.75 1.68
N TRP B 222 -14.09 6.67 2.26
CA TRP B 222 -13.44 6.71 3.56
C TRP B 222 -12.22 5.83 3.58
N VAL B 223 -11.32 6.19 4.48
CA VAL B 223 -10.17 5.34 4.78
C VAL B 223 -9.98 5.39 6.27
N SER B 224 -9.72 4.24 6.86
CA SER B 224 -9.46 4.17 8.27
C SER B 224 -8.21 3.34 8.48
N PHE B 225 -7.46 3.67 9.53
CA PHE B 225 -6.16 3.05 9.79
C PHE B 225 -5.69 3.13 11.24
N ASN B 226 -4.84 2.19 11.60
CA ASN B 226 -4.22 2.20 12.91
C ASN B 226 -2.91 2.99 12.89
N GLN B 227 -2.24 3.01 14.03
CA GLN B 227 -0.97 3.77 14.15
C GLN B 227 0.13 3.19 13.26
N ASN B 228 0.03 1.92 12.86
N ASN B 228 0.02 1.93 12.84
CA ASN B 228 1.02 1.31 11.95
CA ASN B 228 1.04 1.38 11.97
C ASN B 228 0.69 1.54 10.48
C ASN B 228 0.67 1.52 10.48
N LEU B 229 -0.40 2.24 10.21
CA LEU B 229 -0.85 2.59 8.85
C LEU B 229 -1.40 1.38 8.10
N GLU B 230 -1.87 0.38 8.87
CA GLU B 230 -2.66 -0.69 8.32
C GLU B 230 -4.06 -0.16 8.11
N TYR B 231 -4.50 -0.11 6.86
CA TYR B 231 -5.73 0.60 6.47
C TYR B 231 -6.86 -0.29 5.91
N GLN B 232 -8.07 0.28 5.96
CA GLN B 232 -9.23 -0.26 5.23
C GLN B 232 -9.82 0.91 4.45
N ILE B 233 -10.53 0.57 3.38
CA ILE B 233 -11.12 1.57 2.47
C ILE B 233 -12.55 1.15 2.15
N GLY B 234 -13.36 2.14 1.83
CA GLY B 234 -14.75 1.91 1.39
C GLY B 234 -15.39 3.23 0.99
N TYR B 235 -16.69 3.19 0.71
CA TYR B 235 -17.55 4.38 0.54
C TYR B 235 -18.70 4.27 1.50
N ILE B 236 -19.19 5.41 1.96
CA ILE B 236 -20.39 5.44 2.79
C ILE B 236 -21.55 4.86 1.96
N CYS B 237 -22.22 3.84 2.52
CA CYS B 237 -23.26 3.08 1.82
C CYS B 237 -24.62 3.80 1.70
N SER B 238 -24.88 4.76 2.59
CA SER B 238 -26.20 5.33 2.75
C SER B 238 -26.69 5.98 1.45
N GLY B 239 -27.98 5.76 1.15
CA GLY B 239 -28.71 6.44 0.08
C GLY B 239 -28.97 7.92 0.34
N ILE B 240 -28.60 8.37 1.53
CA ILE B 240 -28.53 9.78 1.88
CA ILE B 240 -28.54 9.79 1.85
C ILE B 240 -27.16 10.25 1.39
N PHE B 241 -27.09 10.64 0.11
CA PHE B 241 -25.79 10.89 -0.56
C PHE B 241 -25.15 12.15 0.04
N GLY B 242 -23.84 12.10 0.27
CA GLY B 242 -23.19 13.11 1.07
C GLY B 242 -22.47 14.21 0.30
N ASP B 243 -22.14 14.01 -0.97
CA ASP B 243 -21.35 14.97 -1.72
C ASP B 243 -22.26 16.06 -2.33
N ASN B 244 -21.64 17.05 -2.92
CA ASN B 244 -22.34 18.08 -3.70
C ASN B 244 -21.49 18.38 -4.92
N PRO B 245 -21.98 18.19 -6.15
CA PRO B 245 -23.33 17.72 -6.49
C PRO B 245 -23.59 16.24 -6.20
N ARG B 246 -24.86 15.84 -6.33
CA ARG B 246 -25.32 14.50 -6.06
C ARG B 246 -26.70 14.33 -6.68
N PRO B 247 -27.21 13.10 -6.77
CA PRO B 247 -28.63 12.93 -7.11
C PRO B 247 -29.53 13.11 -5.89
N ASN B 248 -30.83 13.15 -6.13
CA ASN B 248 -31.79 12.99 -5.07
C ASN B 248 -31.58 11.65 -4.37
N ASP B 249 -31.89 11.61 -3.07
CA ASP B 249 -31.69 10.43 -2.23
C ASP B 249 -32.46 9.22 -2.77
N LYS B 250 -31.82 8.06 -2.79
CA LYS B 250 -32.44 6.83 -3.34
C LYS B 250 -31.66 5.65 -2.76
N THR B 251 -31.60 4.52 -3.43
CA THR B 251 -30.80 3.42 -2.90
C THR B 251 -29.34 3.69 -3.15
N GLY B 252 -28.52 3.57 -2.11
CA GLY B 252 -27.09 3.88 -2.22
C GLY B 252 -26.24 2.71 -2.68
N SER B 253 -24.93 2.91 -2.59
CA SER B 253 -23.93 1.90 -2.92
C SER B 253 -22.78 1.96 -1.94
N CYS B 254 -22.19 0.80 -1.64
CA CYS B 254 -20.96 0.73 -0.87
C CYS B 254 -19.67 0.98 -1.72
N GLY B 255 -19.82 1.18 -3.02
CA GLY B 255 -18.76 1.68 -3.91
C GLY B 255 -19.20 3.06 -4.42
N PRO B 256 -18.40 3.67 -5.31
CA PRO B 256 -18.71 5.01 -5.82
C PRO B 256 -20.01 5.09 -6.63
N VAL B 257 -20.87 6.03 -6.24
CA VAL B 257 -22.13 6.28 -6.90
C VAL B 257 -21.85 7.19 -8.08
N SER B 258 -21.93 6.65 -9.30
CA SER B 258 -21.55 7.38 -10.51
C SER B 258 -22.48 8.54 -10.84
N SER B 259 -23.77 8.42 -10.54
CA SER B 259 -24.71 9.50 -10.86
C SER B 259 -24.27 10.82 -10.18
N ASN B 260 -24.11 11.87 -11.00
CA ASN B 260 -23.65 13.21 -10.55
C ASN B 260 -22.35 13.13 -9.75
N GLY B 261 -21.52 12.14 -10.07
CA GLY B 261 -20.35 11.80 -9.25
C GLY B 261 -19.18 12.74 -9.46
N ALA B 262 -19.04 13.30 -10.67
CA ALA B 262 -17.91 14.17 -11.01
C ALA B 262 -18.04 15.45 -10.19
N ASN B 263 -16.90 16.07 -9.93
CA ASN B 263 -16.83 17.25 -9.05
C ASN B 263 -17.25 16.90 -7.58
N GLY B 264 -17.48 17.87 -6.71
CA GLY B 264 -17.62 17.52 -5.30
C GLY B 264 -17.40 18.74 -4.41
N VAL B 265 -17.45 18.52 -3.12
CA VAL B 265 -17.17 19.58 -2.14
C VAL B 265 -16.49 18.88 -0.97
N LYS B 266 -15.53 19.52 -0.32
CA LYS B 266 -14.96 18.91 0.89
C LYS B 266 -16.06 18.75 1.93
N GLY B 267 -16.08 17.62 2.65
CA GLY B 267 -17.04 17.37 3.70
C GLY B 267 -16.47 16.42 4.74
N PHE B 268 -17.38 15.89 5.56
CA PHE B 268 -17.01 15.05 6.69
C PHE B 268 -18.24 14.16 7.01
N SER B 269 -18.00 13.15 7.80
CA SER B 269 -19.06 12.43 8.50
C SER B 269 -18.45 11.74 9.69
N PHE B 270 -19.26 11.36 10.67
CA PHE B 270 -18.76 10.68 11.90
C PHE B 270 -19.39 9.28 11.98
N LYS B 271 -18.55 8.25 12.06
CA LYS B 271 -18.95 6.86 12.14
C LYS B 271 -19.23 6.47 13.59
N TYR B 272 -20.41 5.87 13.86
CA TYR B 272 -20.70 5.24 15.14
C TYR B 272 -21.24 3.85 14.86
N GLY B 273 -20.35 2.86 14.94
CA GLY B 273 -20.71 1.49 14.59
C GLY B 273 -21.17 1.44 13.13
N ASN B 274 -22.38 0.92 12.89
CA ASN B 274 -22.95 0.90 11.53
C ASN B 274 -23.65 2.19 11.19
N GLY B 275 -23.73 3.12 12.14
CA GLY B 275 -24.41 4.40 11.93
C GLY B 275 -23.45 5.51 11.56
N VAL B 276 -24.03 6.61 11.08
CA VAL B 276 -23.23 7.78 10.65
C VAL B 276 -24.00 9.09 10.87
N TRP B 277 -23.31 10.13 11.40
CA TRP B 277 -23.74 11.48 11.29
C TRP B 277 -23.18 12.12 10.00
N ILE B 278 -24.06 12.46 9.05
CA ILE B 278 -23.70 13.05 7.76
C ILE B 278 -23.99 14.54 7.82
N GLY B 279 -22.96 15.36 7.56
CA GLY B 279 -23.13 16.78 7.27
C GLY B 279 -23.17 16.95 5.78
N ARG B 280 -24.15 17.67 5.25
CA ARG B 280 -24.18 17.92 3.82
C ARG B 280 -24.91 19.20 3.49
N THR B 281 -24.72 19.62 2.25
CA THR B 281 -25.48 20.75 1.70
C THR B 281 -26.96 20.37 1.62
N LYS B 282 -27.87 21.36 1.57
CA LYS B 282 -29.29 21.06 1.34
C LYS B 282 -29.61 20.93 -0.15
N SER B 283 -28.97 21.73 -0.99
CA SER B 283 -29.14 21.60 -2.45
C SER B 283 -28.35 20.40 -3.00
N ILE B 284 -28.95 19.67 -3.93
CA ILE B 284 -28.21 18.62 -4.66
C ILE B 284 -27.27 19.11 -5.72
N SER B 285 -27.42 20.35 -6.19
CA SER B 285 -26.69 20.83 -7.35
C SER B 285 -25.72 21.99 -7.10
N SER B 286 -25.89 22.70 -5.99
CA SER B 286 -25.17 23.91 -5.70
C SER B 286 -24.75 23.93 -4.21
N ARG B 287 -23.78 24.75 -3.89
CA ARG B 287 -23.29 24.84 -2.51
C ARG B 287 -24.20 25.77 -1.70
N ASN B 288 -25.39 25.25 -1.41
CA ASN B 288 -26.41 26.00 -0.69
C ASN B 288 -26.97 25.16 0.44
N GLY B 289 -27.14 25.79 1.59
CA GLY B 289 -27.68 25.17 2.76
C GLY B 289 -26.74 24.21 3.44
N PHE B 290 -27.13 23.78 4.62
CA PHE B 290 -26.38 22.76 5.35
C PHE B 290 -27.27 22.11 6.39
N GLU B 291 -27.07 20.81 6.59
CA GLU B 291 -27.87 20.03 7.53
C GLU B 291 -27.05 18.88 8.10
N MET B 292 -27.37 18.48 9.32
CA MET B 292 -26.84 17.27 9.92
C MET B 292 -27.91 16.19 9.93
N ILE B 293 -27.57 15.00 9.47
CA ILE B 293 -28.47 13.82 9.45
C ILE B 293 -27.85 12.65 10.20
N TRP B 294 -28.62 12.08 11.14
CA TRP B 294 -28.24 10.86 11.86
C TRP B 294 -28.93 9.73 11.17
N ASP B 295 -28.15 8.84 10.56
CA ASP B 295 -28.65 7.65 9.84
C ASP B 295 -28.05 6.45 10.58
N PRO B 296 -28.87 5.78 11.41
CA PRO B 296 -28.31 4.76 12.34
C PRO B 296 -27.75 3.45 11.69
N ASN B 297 -28.01 3.21 10.42
CA ASN B 297 -27.38 2.12 9.68
C ASN B 297 -26.70 2.59 8.39
N GLY B 298 -26.41 3.89 8.27
CA GLY B 298 -25.96 4.46 6.99
C GLY B 298 -24.49 4.22 6.61
N TRP B 299 -23.64 3.78 7.53
CA TRP B 299 -22.26 3.52 7.14
C TRP B 299 -22.24 2.30 6.23
N THR B 300 -23.03 1.27 6.58
CA THR B 300 -23.03 0.01 5.81
C THR B 300 -24.32 -0.32 5.08
N GLY B 301 -25.39 0.39 5.34
CA GLY B 301 -26.70 0.12 4.72
C GLY B 301 -27.00 1.08 3.58
N THR B 302 -27.70 0.60 2.56
CA THR B 302 -27.94 1.40 1.35
C THR B 302 -29.30 2.09 1.28
N ASP B 303 -30.15 1.94 2.29
CA ASP B 303 -31.44 2.63 2.22
C ASP B 303 -31.23 4.13 2.43
N ASN B 304 -32.29 4.89 2.12
CA ASN B 304 -32.32 6.34 2.34
C ASN B 304 -33.24 6.72 3.52
N ASN B 305 -33.44 5.83 4.49
CA ASN B 305 -34.18 6.18 5.70
C ASN B 305 -33.17 6.77 6.69
N PHE B 306 -33.58 7.79 7.45
CA PHE B 306 -32.78 8.36 8.53
C PHE B 306 -33.64 8.71 9.74
N SER B 307 -33.01 8.97 10.89
CA SER B 307 -33.76 9.22 12.12
C SER B 307 -33.86 10.66 12.56
N ILE B 308 -32.80 11.45 12.36
CA ILE B 308 -32.73 12.83 12.84
C ILE B 308 -32.21 13.69 11.72
N LYS B 309 -32.82 14.84 11.51
CA LYS B 309 -32.25 15.90 10.69
C LYS B 309 -32.27 17.20 11.49
N GLN B 310 -31.15 17.92 11.45
CA GLN B 310 -31.04 19.21 12.15
C GLN B 310 -30.53 20.24 11.13
N ASP B 311 -31.29 21.32 10.94
CA ASP B 311 -30.94 22.35 10.01
C ASP B 311 -29.80 23.20 10.59
N ILE B 312 -28.89 23.58 9.71
CA ILE B 312 -27.73 24.44 10.02
C ILE B 312 -27.64 25.77 9.23
N VAL B 313 -27.87 25.68 7.92
CA VAL B 313 -27.95 26.82 7.02
C VAL B 313 -29.13 26.56 6.08
N GLY B 314 -29.94 27.58 5.85
CA GLY B 314 -31.14 27.43 5.01
C GLY B 314 -30.80 27.16 3.56
N ILE B 315 -31.71 26.49 2.86
CA ILE B 315 -31.49 26.11 1.46
C ILE B 315 -31.24 27.29 0.51
N ASN B 316 -31.73 28.48 0.82
CA ASN B 316 -31.46 29.59 -0.06
C ASN B 316 -30.19 30.37 0.29
N GLU B 317 -29.38 29.88 1.21
CA GLU B 317 -28.17 30.60 1.62
C GLU B 317 -26.93 29.85 1.19
N TRP B 318 -25.86 30.59 0.97
CA TRP B 318 -24.60 29.98 0.52
C TRP B 318 -23.91 29.17 1.64
N SER B 319 -23.42 27.98 1.30
CA SER B 319 -22.57 27.21 2.23
C SER B 319 -21.21 26.99 1.51
N GLY B 320 -20.60 25.82 1.67
CA GLY B 320 -19.32 25.60 1.10
C GLY B 320 -18.68 24.39 1.71
N TYR B 321 -17.36 24.44 1.88
CA TYR B 321 -16.61 23.35 2.53
C TYR B 321 -17.13 23.10 3.94
N SER B 322 -16.93 21.88 4.40
CA SER B 322 -17.12 21.57 5.81
C SER B 322 -16.10 20.54 6.26
N GLY B 323 -15.87 20.49 7.56
CA GLY B 323 -14.93 19.56 8.14
C GLY B 323 -15.14 19.22 9.58
N SER B 324 -14.62 18.06 9.97
CA SER B 324 -14.57 17.68 11.35
C SER B 324 -13.51 18.44 12.12
N PHE B 325 -13.77 18.67 13.39
CA PHE B 325 -12.67 18.83 14.38
C PHE B 325 -13.07 18.19 15.67
N VAL B 326 -12.10 17.82 16.50
CA VAL B 326 -12.38 17.18 17.80
C VAL B 326 -11.84 17.96 19.02
N GLN B 327 -12.42 17.68 20.19
CA GLN B 327 -11.93 18.21 21.39
C GLN B 327 -11.66 16.96 22.23
N HIS B 328 -10.39 16.84 22.59
CA HIS B 328 -9.93 15.68 23.33
C HIS B 328 -10.24 15.86 24.85
N PRO B 329 -10.34 14.77 25.58
CA PRO B 329 -10.54 14.82 27.02
C PRO B 329 -9.50 15.69 27.75
N GLU B 330 -8.29 15.78 27.23
CA GLU B 330 -7.28 16.66 27.82
C GLU B 330 -7.70 18.14 27.83
N LEU B 331 -8.54 18.54 26.86
CA LEU B 331 -9.12 19.89 26.83
C LEU B 331 -10.42 20.02 27.61
N THR B 332 -11.32 19.03 27.48
CA THR B 332 -12.67 19.14 28.03
C THR B 332 -12.89 18.58 29.46
N GLY B 333 -12.06 17.63 29.87
CA GLY B 333 -12.30 16.85 31.09
C GLY B 333 -13.33 15.72 30.97
N LEU B 334 -13.80 15.46 29.76
CA LEU B 334 -14.75 14.40 29.48
C LEU B 334 -13.99 13.07 29.36
N ASP B 335 -14.73 11.98 29.21
CA ASP B 335 -14.12 10.65 29.09
C ASP B 335 -14.21 10.09 27.69
N CYS B 336 -14.47 10.96 26.73
CA CYS B 336 -14.59 10.57 25.34
C CYS B 336 -14.12 11.73 24.46
N ILE B 337 -13.93 11.46 23.18
CA ILE B 337 -13.41 12.50 22.27
C ILE B 337 -14.64 13.16 21.67
N ARG B 338 -14.79 14.47 21.88
CA ARG B 338 -16.00 15.18 21.46
C ARG B 338 -15.92 15.59 19.97
N PRO B 339 -16.91 15.18 19.16
CA PRO B 339 -16.96 15.62 17.77
C PRO B 339 -17.57 16.99 17.60
N CYS B 340 -16.89 17.86 16.82
CA CYS B 340 -17.40 19.14 16.37
C CYS B 340 -17.26 19.26 14.89
N PHE B 341 -17.85 20.31 14.32
CA PHE B 341 -17.63 20.55 12.89
C PHE B 341 -17.77 22.02 12.54
N TRP B 342 -17.14 22.39 11.42
CA TRP B 342 -17.22 23.73 10.87
C TRP B 342 -17.81 23.70 9.48
N VAL B 343 -18.35 24.85 9.10
CA VAL B 343 -18.86 25.07 7.74
C VAL B 343 -18.30 26.40 7.26
N GLU B 344 -17.71 26.36 6.08
CA GLU B 344 -17.28 27.53 5.33
C GLU B 344 -18.47 28.07 4.51
N LEU B 345 -18.74 29.38 4.65
CA LEU B 345 -19.82 30.06 3.91
C LEU B 345 -19.20 30.93 2.82
N ILE B 346 -19.13 30.36 1.62
CA ILE B 346 -18.38 30.96 0.53
C ILE B 346 -19.20 32.05 -0.14
N ARG B 347 -18.59 33.22 -0.29
CA ARG B 347 -19.18 34.38 -0.96
C ARG B 347 -18.36 34.82 -2.15
N GLY B 348 -19.06 35.40 -3.14
CA GLY B 348 -18.40 35.89 -4.36
C GLY B 348 -18.43 34.94 -5.52
N ARG B 349 -17.34 34.82 -6.25
CA ARG B 349 -17.29 33.96 -7.44
C ARG B 349 -17.26 32.50 -7.06
N PRO B 350 -17.79 31.58 -7.90
CA PRO B 350 -18.36 31.89 -9.22
C PRO B 350 -19.83 32.32 -9.20
N LYS B 351 -20.51 32.22 -8.07
CA LYS B 351 -21.97 32.36 -8.11
C LYS B 351 -22.51 33.78 -8.06
N GLU B 352 -21.67 34.72 -7.66
CA GLU B 352 -22.10 36.07 -7.41
C GLU B 352 -21.23 37.04 -8.21
N ASN B 353 -21.74 38.23 -8.43
CA ASN B 353 -21.16 39.17 -9.40
C ASN B 353 -20.11 40.08 -8.74
N THR B 354 -19.01 39.45 -8.37
CA THR B 354 -17.93 40.14 -7.70
C THR B 354 -16.62 39.93 -8.44
N ILE B 355 -15.59 40.66 -8.03
CA ILE B 355 -14.22 40.39 -8.52
C ILE B 355 -13.48 39.33 -7.67
N TRP B 356 -14.08 38.97 -6.54
CA TRP B 356 -13.39 38.20 -5.47
C TRP B 356 -14.22 36.99 -5.02
N THR B 357 -13.54 36.10 -4.27
CA THR B 357 -14.11 34.96 -3.60
C THR B 357 -13.50 34.91 -2.19
N SER B 358 -14.36 34.81 -1.15
CA SER B 358 -13.85 34.68 0.23
C SER B 358 -14.91 33.99 1.05
N GLY B 359 -14.60 33.58 2.29
CA GLY B 359 -15.63 32.95 3.10
C GLY B 359 -15.65 33.44 4.53
N SER B 360 -16.76 33.15 5.20
CA SER B 360 -16.83 33.24 6.66
C SER B 360 -17.03 31.82 7.17
N SER B 361 -17.17 31.69 8.48
CA SER B 361 -17.38 30.37 9.08
C SER B 361 -18.38 30.34 10.24
N ILE B 362 -18.91 29.14 10.45
CA ILE B 362 -19.68 28.77 11.63
C ILE B 362 -19.15 27.43 12.12
N SER B 363 -19.32 27.15 13.41
CA SER B 363 -18.96 25.83 13.97
C SER B 363 -19.91 25.42 15.06
N PHE B 364 -19.96 24.09 15.29
CA PHE B 364 -20.90 23.44 16.21
C PHE B 364 -20.16 22.30 16.90
N CYS B 365 -20.55 22.00 18.13
CA CYS B 365 -20.06 20.83 18.85
C CYS B 365 -21.17 19.91 19.22
N GLY B 366 -20.88 18.59 19.22
CA GLY B 366 -21.89 17.58 19.52
C GLY B 366 -22.16 17.48 21.00
N VAL B 367 -23.44 17.40 21.38
CA VAL B 367 -23.86 17.24 22.76
C VAL B 367 -24.99 16.21 22.86
N ASN B 368 -25.35 15.86 24.09
CA ASN B 368 -26.56 15.05 24.35
C ASN B 368 -27.67 15.77 25.09
N SER B 369 -27.53 17.08 25.26
CA SER B 369 -28.56 17.91 25.83
C SER B 369 -29.34 18.56 24.69
N ASP B 370 -30.33 19.37 25.01
CA ASP B 370 -31.22 19.88 23.96
C ASP B 370 -30.53 20.82 22.98
N THR B 371 -30.93 20.71 21.71
CA THR B 371 -30.41 21.56 20.65
C THR B 371 -31.58 21.98 19.76
N VAL B 372 -31.26 22.78 18.74
CA VAL B 372 -32.27 23.24 17.80
C VAL B 372 -31.65 23.51 16.44
N GLY B 373 -32.46 23.29 15.40
CA GLY B 373 -32.14 23.65 14.02
C GLY B 373 -32.46 25.10 13.76
N TRP B 374 -31.63 25.74 12.96
CA TRP B 374 -31.91 27.08 12.49
C TRP B 374 -31.08 27.33 11.23
N SER B 375 -30.98 28.60 10.80
CA SER B 375 -30.06 28.99 9.75
C SER B 375 -29.15 30.09 10.27
N TRP B 376 -27.84 29.84 10.19
CA TRP B 376 -26.82 30.82 10.59
C TRP B 376 -25.96 31.11 9.36
N PRO B 377 -26.47 31.92 8.41
CA PRO B 377 -25.75 32.10 7.17
C PRO B 377 -24.71 33.21 7.25
N ASP B 378 -24.02 33.46 6.14
CA ASP B 378 -22.96 34.48 6.10
C ASP B 378 -23.49 35.88 6.41
N GLY B 379 -24.53 36.30 5.69
CA GLY B 379 -25.16 37.60 5.94
C GLY B 379 -24.61 38.84 5.29
N ALA B 380 -23.52 38.75 4.52
CA ALA B 380 -23.04 39.93 3.82
C ALA B 380 -23.93 40.28 2.63
N GLU B 381 -23.95 41.55 2.29
CA GLU B 381 -24.74 42.07 1.17
C GLU B 381 -23.76 42.36 0.03
N LEU B 382 -23.83 41.54 -1.02
CA LEU B 382 -22.97 41.68 -2.18
C LEU B 382 -23.78 42.37 -3.32
N PRO B 383 -23.11 43.02 -4.28
CA PRO B 383 -21.65 43.18 -4.33
C PRO B 383 -21.16 44.23 -3.34
N PHE B 384 -19.84 44.33 -3.21
CA PHE B 384 -19.16 45.32 -2.36
C PHE B 384 -18.73 46.53 -3.18
N THR B 385 -18.26 47.57 -2.46
CA THR B 385 -17.72 48.78 -3.05
C THR B 385 -16.69 48.55 -4.17
N ILE B 386 -15.78 47.61 -3.92
CA ILE B 386 -14.70 47.32 -4.87
C ILE B 386 -15.18 46.71 -6.19
N ASP B 387 -16.39 46.16 -6.19
CA ASP B 387 -16.94 45.41 -7.33
C ASP B 387 -17.61 46.36 -8.31
C1 NAG C . 0.65 -8.80 -27.49
C2 NAG C . -0.63 -8.46 -28.24
C3 NAG C . -0.37 -8.18 -29.73
C4 NAG C . 0.93 -7.42 -30.00
C5 NAG C . 2.08 -8.00 -29.18
C6 NAG C . 3.43 -7.35 -29.46
C7 NAG C . -2.71 -9.68 -27.44
C8 NAG C . -3.29 -8.51 -26.70
N2 NAG C . -1.54 -9.61 -28.10
O3 NAG C . -1.50 -7.45 -30.21
O4 NAG C . 1.25 -7.56 -31.39
O5 NAG C . 1.72 -7.90 -27.80
O6 NAG C . 3.35 -5.94 -29.22
O7 NAG C . -3.33 -10.73 -27.41
C1 NAG C . 1.40 -6.27 -32.06
C2 NAG C . 1.95 -6.51 -33.45
C3 NAG C . 2.09 -5.18 -34.21
C4 NAG C . 0.75 -4.46 -34.23
C5 NAG C . 0.20 -4.28 -32.81
C6 NAG C . -1.22 -3.72 -32.81
C7 NAG C . 3.40 -8.48 -33.61
C8 NAG C . 4.83 -8.94 -33.45
N2 NAG C . 3.25 -7.18 -33.36
O3 NAG C . 2.51 -5.44 -35.55
O4 NAG C . 0.95 -3.19 -34.87
O5 NAG C . 0.17 -5.52 -32.11
O6 NAG C . -2.15 -4.77 -33.15
O7 NAG C . 2.46 -9.21 -33.96
C1 NAG D . 4.85 -1.02 -23.80
C2 NAG D . 3.44 -0.43 -23.96
C3 NAG D . 3.49 0.78 -24.90
C4 NAG D . 4.52 1.79 -24.42
C5 NAG D . 5.88 1.11 -24.27
C6 NAG D . 7.01 2.00 -23.74
C7 NAG D . 1.56 -2.07 -23.86
C8 NAG D . 0.80 -3.06 -24.69
N2 NAG D . 2.54 -1.44 -24.52
O3 NAG D . 2.19 1.40 -24.97
O4 NAG D . 4.55 2.84 -25.39
O5 NAG D . 5.70 0.04 -23.34
O6 NAG D . 8.22 1.77 -24.49
O7 NAG D . 1.29 -1.89 -22.69
C1 NAG D . 4.38 4.17 -24.83
C2 NAG D . 4.72 5.19 -25.93
C3 NAG D . 4.61 6.61 -25.36
C4 NAG D . 3.30 6.85 -24.59
C5 NAG D . 3.00 5.70 -23.61
C6 NAG D . 1.65 5.89 -22.90
C7 NAG D . 6.38 4.17 -27.52
C8 NAG D . 7.82 4.15 -27.92
N2 NAG D . 6.06 4.99 -26.50
O3 NAG D . 4.68 7.50 -26.47
O4 NAG D . 3.38 8.10 -23.86
O5 NAG D . 3.07 4.44 -24.30
O6 NAG D . 0.59 6.03 -23.86
O7 NAG D . 5.56 3.45 -28.09
C1 BMA D . 3.05 9.25 -24.67
C2 BMA D . 1.75 9.92 -24.24
C3 BMA D . 1.45 11.05 -25.24
C4 BMA D . 2.65 11.98 -25.44
C5 BMA D . 3.94 11.20 -25.72
C6 BMA D . 5.17 12.11 -25.78
O2 BMA D . 1.84 10.40 -22.89
O3 BMA D . 0.30 11.82 -24.83
O4 BMA D . 2.37 12.87 -26.53
O5 BMA D . 4.10 10.21 -24.69
O6 BMA D . 6.39 11.34 -25.71
C1 NAG E . -5.85 5.53 27.67
C2 NAG E . -6.14 4.28 28.51
C3 NAG E . -5.65 4.37 29.97
C4 NAG E . -4.32 5.11 30.11
C5 NAG E . -4.35 6.39 29.27
C6 NAG E . -3.15 7.33 29.45
C7 NAG E . -8.20 2.99 27.92
C8 NAG E . -9.70 3.10 27.80
N2 NAG E . -7.59 4.10 28.35
O3 NAG E . -5.55 3.05 30.52
O4 NAG E . -4.12 5.45 31.50
O5 NAG E . -4.52 6.02 27.89
O6 NAG E . -1.92 6.67 29.18
O7 NAG E . -7.62 1.96 27.61
C1 NAG E . -2.81 5.10 32.01
C2 NAG E . -2.68 5.77 33.37
C3 NAG E . -1.38 5.31 34.05
C4 NAG E . -1.43 3.81 34.29
C5 NAG E . -2.23 2.99 33.25
C6 NAG E . -3.53 2.41 33.82
C7 NAG E . -3.75 8.00 33.56
C8 NAG E . -3.53 9.48 33.35
N2 NAG E . -2.70 7.24 33.23
O3 NAG E . -1.23 6.01 35.30
O4 NAG E . -0.07 3.34 34.30
O5 NAG E . -2.54 3.67 32.03
O6 NAG E . -4.00 1.29 33.02
O7 NAG E . -4.80 7.55 34.01
C1 NAG F . -10.31 43.43 -11.70
C2 NAG F . -10.39 44.93 -11.93
C3 NAG F . -11.20 45.20 -13.18
C4 NAG F . -10.61 44.44 -14.34
C5 NAG F . -10.55 42.95 -13.99
C6 NAG F . -10.03 42.11 -15.14
C7 NAG F . -10.23 46.15 -9.82
C8 NAG F . -10.91 46.93 -8.71
N2 NAG F . -10.99 45.69 -10.83
O3 NAG F . -11.20 46.62 -13.43
O4 NAG F . -11.54 44.62 -15.44
O5 NAG F . -9.73 42.73 -12.81
O6 NAG F . -8.73 42.57 -15.52
O7 NAG F . -9.04 45.92 -9.75
C1 NAG F . -10.88 44.97 -16.67
C2 NAG F . -11.84 44.86 -17.84
C3 NAG F . -11.13 45.14 -19.15
C4 NAG F . -10.35 46.44 -19.04
C5 NAG F . -9.63 46.69 -17.72
C6 NAG F . -9.31 48.18 -17.58
C7 NAG F . -13.68 43.27 -17.36
C8 NAG F . -14.49 44.32 -16.63
N2 NAG F . -12.48 43.56 -17.89
O3 NAG F . -12.14 45.35 -20.16
O4 NAG F . -9.37 46.39 -20.09
O5 NAG F . -10.46 46.33 -16.61
O6 NAG F . -10.55 48.94 -17.50
O7 NAG F . -14.11 42.13 -17.48
C1 BMA F . -9.72 47.30 -21.13
C2 BMA F . -8.46 47.62 -21.91
C3 BMA F . -8.76 48.53 -23.10
C4 BMA F . -9.90 47.95 -23.95
C5 BMA F . -11.11 47.64 -23.04
C6 BMA F . -12.30 47.01 -23.79
O2 BMA F . -7.90 46.40 -22.38
O3 BMA F . -7.54 48.61 -23.87
O4 BMA F . -10.26 48.87 -25.01
O5 BMA F . -10.72 46.74 -21.98
O6 BMA F . -13.47 46.88 -22.95
C1 MAN F . -7.26 49.97 -24.26
C2 MAN F . -6.29 49.90 -25.45
C3 MAN F . -4.98 49.28 -24.98
C4 MAN F . -4.38 50.16 -23.90
C5 MAN F . -5.41 50.29 -22.74
C6 MAN F . -4.95 51.29 -21.69
O2 MAN F . -6.14 51.18 -26.06
O3 MAN F . -4.11 48.94 -26.09
O4 MAN F . -3.22 49.50 -23.36
O5 MAN F . -6.72 50.69 -23.15
O6 MAN F . -4.97 52.62 -22.20
CA CA G . 4.73 -22.05 6.85
CA CA H . -10.04 -29.54 -5.04
C4 EEW I . 17.63 -19.01 3.25
C5 EEW I . 17.22 -17.91 4.29
C6 EEW I . 15.78 -18.15 4.66
C11 EEW I . 18.33 -14.35 3.48
C7 EEW I . 15.52 -19.53 4.98
C8 EEW I . 14.45 -16.23 5.40
C9 EEW I . 13.03 -16.77 4.94
C10 EEW I . 18.31 -15.68 4.18
C3 EEW I . 17.54 -20.39 3.95
C91 EEW I . 12.24 -17.29 6.10
C81 EEW I . 14.44 -15.30 6.61
C82 EEW I . 15.80 -14.63 6.82
O7 EEW I . 15.39 -17.30 5.76
C2 EEW I . 16.33 -20.60 4.60
P EEW I . 15.94 -22.25 5.06
OP1 EEW I . 16.26 -23.23 3.95
OP2 EEW I . 14.52 -22.38 5.58
OP3 EEW I . 16.96 -22.53 6.28
CP1 EEW I . 17.21 -23.88 6.62
N4 EEW I . 18.99 -18.73 2.75
N5 EEW I . 17.38 -16.55 3.73
O10 EEW I . 19.09 -15.92 5.11
C1 NAG J . 35.11 -26.82 11.17
C2 NAG J . 36.38 -27.59 11.54
C3 NAG J . 36.68 -27.54 13.06
C4 NAG J . 36.66 -26.09 13.55
C5 NAG J . 35.25 -25.54 13.28
C6 NAG J . 35.05 -24.13 13.81
C7 NAG J . 36.84 -29.48 9.96
C8 NAG J . 36.63 -30.95 9.73
N2 NAG J . 36.31 -28.99 11.09
O3 NAG J . 37.96 -28.12 13.33
O4 NAG J . 37.05 -25.90 14.93
O5 NAG J . 35.05 -25.54 11.85
O6 NAG J . 36.08 -23.28 13.30
O7 NAG J . 37.44 -28.81 9.12
C1 EDO K . -4.93 -29.20 -17.44
O1 EDO K . -4.52 -29.86 -16.26
C2 EDO K . -4.61 -27.71 -17.37
O2 EDO K . -5.83 -27.01 -17.14
C1 EDO L . 30.43 -19.86 6.61
O1 EDO L . 29.83 -18.56 6.35
C2 EDO L . 31.54 -20.21 5.63
O2 EDO L . 32.77 -19.51 5.95
C1 EDO M . 30.39 -5.16 -17.53
O1 EDO M . 29.79 -6.02 -18.49
C2 EDO M . 30.95 -6.04 -16.41
O2 EDO M . 31.86 -6.96 -17.05
C1 EDO N . -6.01 -4.46 12.63
O1 EDO N . -7.36 -4.39 12.14
C2 EDO N . -4.99 -4.61 11.49
O2 EDO N . -5.65 -4.53 10.23
CA CA O . -18.17 13.76 -6.31
CA CA P . -30.62 4.29 6.90
C4 EEW Q . -9.49 24.05 -3.59
C5 EEW Q . -8.79 23.23 -4.65
C6 EEW Q . -9.67 22.04 -4.91
C11 EEW Q . -5.06 22.55 -4.07
C7 EEW Q . -11.04 22.43 -5.19
C8 EEW Q . -8.57 19.97 -5.62
C9 EEW Q . -9.59 18.89 -5.05
C10 EEW Q . -6.29 23.17 -4.70
C3 EEW Q . -10.88 24.60 -4.08
C91 EEW Q . -10.64 18.53 -6.07
C81 EEW Q . -7.81 19.45 -6.86
C82 EEW Q . -6.67 20.37 -7.30
O7 EEW Q . -9.20 21.23 -6.03
C2 EEW Q . -11.61 23.64 -4.85
P EEW Q . -13.28 23.94 -5.17
OP1 EEW Q . -13.93 24.67 -4.00
OP2 EEW Q . -14.09 22.69 -5.57
OP3 EEW Q . -13.29 24.96 -6.46
CP1 EEW Q . -14.39 25.79 -6.80
N4 EEW Q . -8.60 25.17 -3.16
N5 EEW Q . -7.48 22.80 -4.17
O10 EEW Q . -6.22 23.84 -5.71
C1 NAG R . 2.71 5.71 23.53
C2 NAG R . 2.64 4.19 23.70
C3 NAG R . 3.80 3.72 24.59
C4 NAG R . 5.14 4.23 24.09
C5 NAG R . 5.12 5.75 23.90
C6 NAG R . 6.40 6.26 23.24
C7 NAG R . 0.33 3.23 23.75
C8 NAG R . -0.86 3.03 24.64
N2 NAG R . 1.35 3.87 24.33
O3 NAG R . 3.84 2.28 24.64
O4 NAG R . 6.16 3.84 25.02
O5 NAG R . 4.01 6.11 23.08
O6 NAG R . 6.77 7.52 23.82
O7 NAG R . 0.32 2.80 22.60
C1 EDO S . -25.75 8.54 18.88
C1 EDO S . -25.72 8.75 18.81
O1 EDO S . -27.01 9.23 18.70
O1 EDO S . -26.61 7.64 18.65
C2 EDO S . -25.84 7.07 18.48
C2 EDO S . -24.40 8.51 18.10
O2 EDO S . -25.22 6.19 19.45
O2 EDO S . -23.69 9.75 17.84
C1 EDO T . -7.76 39.72 21.61
O1 EDO T . -7.98 40.26 20.30
C2 EDO T . -8.71 38.55 21.83
O2 EDO T . -8.07 37.32 21.45
C1 EDO U . 8.25 5.54 4.22
O1 EDO U . 7.71 4.64 5.22
C2 EDO U . 8.20 7.02 4.63
O2 EDO U . 9.32 7.42 5.43
#